data_8TNV
#
_entry.id   8TNV
#
_cell.length_a   75.682
_cell.length_b   103.368
_cell.length_c   119.048
_cell.angle_alpha   90.00
_cell.angle_beta   90.00
_cell.angle_gamma   90.00
#
_symmetry.space_group_name_H-M   'P 21 21 21'
#
loop_
_entity.id
_entity.type
_entity.pdbx_description
1 polymer 'Hemocyanin Functional Unit CCHB-g'
2 branched 2-acetamido-2-deoxy-beta-D-glucopyranose-(1-2)-alpha-D-mannopyranose-(1-6)-beta-D-mannopyranose-(1-4)-2-acetamido-2-deoxy-beta-D-glucopyranose-(1-4)-[alpha-L-fucopyranose-(1-6)]2-acetamido-2-deoxy-beta-D-glucopyranose
3 non-polymer 2-acetamido-2-deoxy-beta-D-glucopyranose
4 non-polymer 'CU2-O2 CLUSTER'
5 non-polymer 'BROMIDE ION'
6 non-polymer 1-(2-METHOXY-ETHOXY)-2-{2-[2-(2-METHOXY-ETHOXY]-ETHOXY}-ETHANE
7 non-polymer 'TETRAETHYLENE GLYCOL'
8 water water
#
_entity_poly.entity_id   1
_entity_poly.type   'polypeptide(L)'
_entity_poly.pdbx_seq_one_letter_code
;GVGVRKDINTLTAAETTNLRDALRRVQAGTGRMTYDFIAGAHGYPAECKMGEYDVACCQHGMASFPGWHRVFTRQMEIAL
SWEGAKVGLPYWDWTEAFTELPTLVSQEHDNPFHHGHIPGKAENITTTRAPRPQLFKDPEHGEESFFFRQALLAFEQRDF
CDFEVQFEVLHNALHSWIGGTSPYGMSTLEYAAYDPIFFIHHSNVDRQFAIWQELQKHRGLDYNTANCHIQDLRKPLEPF
NRANNPVLVTRVHSRAIDAFNYDQYGYQYDHLHFHGLTVDKLDEKLEKRKEQDRVFLNFMLRGIKMSADVVFDLCNAQGT
CNFAGTFAILGGPLEMPWNFDRVFKYDVTKIFQQMRLRPDSNYTIPIRIRAVNGMQLDPNLLEPPSVTFVPGK
;
_entity_poly.pdbx_strand_id   A,B
#
# COMPACT_ATOMS: atom_id res chain seq x y z
N GLY A 1 31.95 26.18 -11.92
CA GLY A 1 32.56 24.87 -11.84
C GLY A 1 32.46 24.25 -10.45
N VAL A 2 32.96 24.96 -9.44
CA VAL A 2 32.97 24.42 -8.09
C VAL A 2 31.54 24.12 -7.64
N GLY A 3 31.29 22.86 -7.31
CA GLY A 3 29.96 22.47 -6.92
C GLY A 3 28.96 22.36 -8.05
N VAL A 4 29.37 22.43 -9.31
CA VAL A 4 28.45 22.32 -10.43
C VAL A 4 28.51 20.92 -11.01
N ARG A 5 27.36 20.25 -11.07
CA ARG A 5 27.25 18.90 -11.61
C ARG A 5 26.88 19.01 -13.09
N LYS A 6 27.80 18.59 -13.95
CA LYS A 6 27.68 18.72 -15.39
C LYS A 6 27.24 17.41 -16.02
N ASP A 7 26.50 17.51 -17.13
CA ASP A 7 26.25 16.32 -17.93
C ASP A 7 27.57 15.69 -18.33
N ILE A 8 27.70 14.38 -18.10
CA ILE A 8 28.96 13.69 -18.34
C ILE A 8 29.43 13.88 -19.79
N ASN A 9 28.50 14.08 -20.71
CA ASN A 9 28.90 14.18 -22.11
C ASN A 9 29.46 15.56 -22.46
N THR A 10 29.45 16.49 -21.52
CA THR A 10 29.99 17.83 -21.76
C THR A 10 31.35 18.05 -21.11
N LEU A 11 31.91 17.05 -20.42
CA LEU A 11 33.19 17.25 -19.74
C LEU A 11 34.30 17.45 -20.75
N THR A 12 35.20 18.39 -20.44
CA THR A 12 36.42 18.55 -21.21
C THR A 12 37.43 17.49 -20.80
N ALA A 13 38.49 17.36 -21.60
CA ALA A 13 39.55 16.43 -21.25
C ALA A 13 40.23 16.87 -19.95
N ALA A 14 40.37 18.18 -19.76
CA ALA A 14 40.98 18.69 -18.53
C ALA A 14 40.11 18.36 -17.32
N GLU A 15 38.79 18.54 -17.44
CA GLU A 15 37.89 18.22 -16.34
C GLU A 15 37.91 16.73 -16.03
N THR A 16 37.99 15.91 -17.08
CA THR A 16 38.06 14.45 -16.90
C THR A 16 39.32 14.07 -16.14
N THR A 17 40.46 14.63 -16.54
CA THR A 17 41.71 14.33 -15.84
C THR A 17 41.66 14.78 -14.39
N ASN A 18 41.10 15.95 -14.15
CA ASN A 18 41.01 16.50 -12.79
C ASN A 18 40.13 15.63 -11.91
N LEU A 19 38.98 15.16 -12.43
CA LEU A 19 38.12 14.29 -11.63
C LEU A 19 38.81 12.97 -11.31
N ARG A 20 39.51 12.41 -12.31
CA ARG A 20 40.25 11.19 -12.08
C ARG A 20 41.37 11.39 -11.05
N ASP A 21 42.06 12.53 -11.10
CA ASP A 21 43.11 12.77 -10.10
C ASP A 21 42.52 12.84 -8.70
N ALA A 22 41.40 13.53 -8.58
CA ALA A 22 40.77 13.64 -7.27
C ALA A 22 40.28 12.29 -6.75
N LEU A 23 39.67 11.47 -7.62
CA LEU A 23 39.17 10.15 -7.14
C LEU A 23 40.33 9.22 -6.76
N ARG A 24 41.41 9.29 -7.51
CA ARG A 24 42.59 8.45 -7.21
C ARG A 24 43.07 8.75 -5.79
N ARG A 25 43.08 10.02 -5.42
CA ARG A 25 43.53 10.40 -4.05
C ARG A 25 42.56 9.93 -2.97
N VAL A 26 41.26 10.03 -3.27
CA VAL A 26 40.25 9.54 -2.29
C VAL A 26 40.38 8.01 -2.18
N GLN A 27 40.54 7.32 -3.31
CA GLN A 27 40.72 5.87 -3.20
C GLN A 27 42.04 5.47 -2.54
N ALA A 28 43.07 6.28 -2.65
CA ALA A 28 44.38 5.94 -2.08
C ALA A 28 44.35 5.91 -0.56
N GLY A 29 43.41 6.63 0.08
CA GLY A 29 43.31 6.73 1.52
C GLY A 29 44.33 7.63 2.18
N THR A 30 45.05 8.44 1.40
CA THR A 30 46.07 9.32 1.96
C THR A 30 45.58 10.73 2.18
N GLY A 31 44.34 11.01 1.78
CA GLY A 31 43.81 12.34 1.75
C GLY A 31 42.96 12.63 2.95
N ARG A 32 42.14 13.67 2.80
CA ARG A 32 41.34 14.10 3.94
C ARG A 32 40.28 13.06 4.33
N MET A 33 39.60 12.54 3.33
CA MET A 33 38.64 11.41 3.58
CA MET A 33 38.65 11.41 3.55
C MET A 33 38.96 10.22 2.58
N THR A 34 38.65 9.02 3.08
CA THR A 34 38.94 7.85 2.25
C THR A 34 37.68 7.36 1.54
N TYR A 35 37.92 6.71 0.40
CA TYR A 35 36.79 6.13 -0.32
C TYR A 35 36.08 5.10 0.54
N ASP A 36 36.84 4.27 1.27
CA ASP A 36 36.19 3.26 2.11
C ASP A 36 35.28 3.91 3.14
N PHE A 37 35.77 4.96 3.80
CA PHE A 37 34.99 5.60 4.86
C PHE A 37 33.63 6.06 4.34
N ILE A 38 33.62 6.67 3.16
CA ILE A 38 32.37 7.15 2.62
C ILE A 38 31.52 5.98 2.13
N ALA A 39 32.08 5.14 1.25
CA ALA A 39 31.32 4.02 0.69
C ALA A 39 30.76 3.08 1.76
N GLY A 40 31.45 2.93 2.89
CA GLY A 40 30.97 2.10 3.99
C GLY A 40 29.68 2.59 4.62
N ALA A 41 29.29 3.83 4.38
CA ALA A 41 28.01 4.31 4.88
C ALA A 41 26.83 3.62 4.19
N HIS A 42 27.04 3.00 3.03
CA HIS A 42 25.88 2.55 2.28
C HIS A 42 25.45 1.12 2.67
N GLY A 43 26.35 0.16 2.48
CA GLY A 43 26.01 -1.25 2.66
C GLY A 43 27.03 -1.96 3.55
N TYR A 44 27.89 -2.81 2.97
CA TYR A 44 28.96 -3.49 3.71
C TYR A 44 30.13 -2.52 3.92
N PRO A 45 30.80 -2.56 5.08
CA PRO A 45 30.46 -3.30 6.30
C PRO A 45 29.32 -2.59 7.02
N ALA A 46 28.36 -3.36 7.51
CA ALA A 46 27.17 -2.78 8.11
C ALA A 46 27.52 -1.73 9.16
N GLU A 47 26.98 -0.52 9.01
CA GLU A 47 27.40 0.54 9.92
C GLU A 47 26.25 1.01 10.81
N CYS A 48 25.11 0.34 10.76
CA CYS A 48 23.93 0.71 11.49
C CYS A 48 23.41 -0.49 12.26
N LYS A 49 22.47 -0.23 13.16
CA LYS A 49 21.93 -1.29 14.00
C LYS A 49 20.41 -1.24 13.94
N MET A 50 19.80 -2.42 13.95
CA MET A 50 18.37 -2.61 14.08
C MET A 50 18.19 -3.52 15.29
N GLY A 51 18.22 -2.91 16.48
CA GLY A 51 18.33 -3.67 17.71
C GLY A 51 19.74 -4.18 17.88
N GLU A 52 19.89 -5.49 18.01
CA GLU A 52 21.21 -6.09 18.11
C GLU A 52 21.79 -6.49 16.75
N TYR A 53 20.99 -6.48 15.69
CA TYR A 53 21.46 -6.87 14.37
C TYR A 53 22.17 -5.70 13.69
N ASP A 54 23.29 -6.00 13.03
CA ASP A 54 23.97 -4.98 12.23
C ASP A 54 23.33 -4.94 10.84
N VAL A 55 22.96 -3.75 10.39
CA VAL A 55 22.29 -3.55 9.11
C VAL A 55 23.03 -2.46 8.32
N ALA A 56 22.84 -2.50 7.01
CA ALA A 56 23.31 -1.39 6.18
C ALA A 56 22.60 -0.10 6.58
N CYS A 57 23.32 1.02 6.47
CA CYS A 57 22.72 2.31 6.80
C CYS A 57 21.87 2.91 5.69
N CYS A 58 22.08 2.51 4.43
CA CYS A 58 21.35 3.20 3.37
C CYS A 58 19.86 2.95 3.48
N GLN A 59 19.09 3.98 3.18
CA GLN A 59 17.65 3.90 3.37
C GLN A 59 17.01 3.64 2.02
N HIS A 60 16.35 2.48 1.91
CA HIS A 60 15.75 2.01 0.67
C HIS A 60 14.34 1.55 0.97
N GLY A 61 13.50 1.61 -0.04
CA GLY A 61 12.14 1.11 0.15
C GLY A 61 11.27 2.00 1.02
N MET A 62 11.55 3.31 1.01
CA MET A 62 10.89 4.23 1.93
C MET A 62 11.07 5.67 1.45
N ALA A 63 10.20 6.52 2.00
CA ALA A 63 10.13 7.92 1.58
C ALA A 63 11.42 8.67 1.80
N SER A 64 12.29 8.20 2.70
CA SER A 64 13.57 8.85 2.95
C SER A 64 14.67 8.46 1.96
N PHE A 65 14.42 7.52 1.05
CA PHE A 65 15.46 7.13 0.10
C PHE A 65 16.03 8.32 -0.67
N PRO A 66 15.23 9.23 -1.23
CA PRO A 66 15.83 10.32 -2.03
C PRO A 66 16.72 11.22 -1.21
N GLY A 67 16.30 11.54 0.01
CA GLY A 67 17.10 12.43 0.84
C GLY A 67 18.36 11.76 1.37
N TRP A 68 18.24 10.52 1.83
CA TRP A 68 19.44 9.78 2.24
C TRP A 68 20.48 9.76 1.12
N HIS A 69 20.07 9.40 -0.11
CA HIS A 69 21.03 9.30 -1.19
C HIS A 69 21.49 10.67 -1.69
N ARG A 70 20.66 11.72 -1.53
CA ARG A 70 21.11 13.07 -1.83
C ARG A 70 22.27 13.47 -0.92
N VAL A 71 22.12 13.24 0.38
CA VAL A 71 23.21 13.57 1.30
C VAL A 71 24.44 12.70 1.03
N PHE A 72 24.24 11.38 0.79
CA PHE A 72 25.37 10.49 0.51
C PHE A 72 26.14 10.93 -0.72
N THR A 73 25.43 11.27 -1.80
CA THR A 73 26.10 11.65 -3.02
C THR A 73 26.90 12.93 -2.82
N ARG A 74 26.34 13.89 -2.05
CA ARG A 74 27.11 15.10 -1.75
C ARG A 74 28.34 14.80 -0.90
N GLN A 75 28.25 13.82 0.01
CA GLN A 75 29.41 13.49 0.85
C GLN A 75 30.60 13.08 -0.03
N MET A 76 30.36 12.20 -1.02
CA MET A 76 31.44 11.79 -1.90
C MET A 76 31.95 12.96 -2.75
N GLU A 77 31.02 13.80 -3.24
CA GLU A 77 31.41 14.94 -4.04
C GLU A 77 32.33 15.87 -3.24
N ILE A 78 32.03 16.09 -1.96
CA ILE A 78 32.89 16.94 -1.12
C ILE A 78 34.26 16.29 -0.95
N ALA A 79 34.31 15.00 -0.68
CA ALA A 79 35.60 14.31 -0.62
C ALA A 79 36.44 14.56 -1.87
N LEU A 80 35.83 14.49 -3.05
CA LEU A 80 36.54 14.77 -4.29
C LEU A 80 37.00 16.22 -4.33
N SER A 81 36.15 17.15 -3.89
CA SER A 81 36.55 18.56 -3.91
C SER A 81 37.74 18.79 -2.96
N TRP A 82 37.75 18.11 -1.82
CA TRP A 82 38.86 18.27 -0.88
C TRP A 82 40.17 17.74 -1.44
N GLU A 83 40.11 16.83 -2.43
CA GLU A 83 41.30 16.31 -3.08
C GLU A 83 41.55 16.97 -4.43
N GLY A 84 40.97 18.16 -4.66
CA GLY A 84 41.31 18.97 -5.80
C GLY A 84 40.33 18.98 -6.96
N ALA A 85 39.19 18.28 -6.87
CA ALA A 85 38.26 18.33 -7.99
C ALA A 85 37.70 19.74 -8.12
N LYS A 86 37.71 20.26 -9.35
CA LYS A 86 37.24 21.61 -9.61
C LYS A 86 35.82 21.66 -10.12
N VAL A 87 35.21 20.51 -10.39
CA VAL A 87 33.81 20.44 -10.76
C VAL A 87 33.16 19.42 -9.83
N GLY A 88 31.83 19.43 -9.80
CA GLY A 88 31.09 18.48 -9.02
C GLY A 88 31.01 17.11 -9.71
N LEU A 89 30.27 16.21 -9.08
CA LEU A 89 30.08 14.87 -9.64
C LEU A 89 29.24 14.95 -10.90
N PRO A 90 29.74 14.56 -12.05
CA PRO A 90 28.92 14.65 -13.27
C PRO A 90 27.79 13.64 -13.23
N TYR A 91 26.71 13.98 -13.92
CA TYR A 91 25.58 13.06 -14.04
C TYR A 91 25.54 12.43 -15.42
N TRP A 92 25.22 11.14 -15.46
CA TRP A 92 24.99 10.42 -16.70
C TRP A 92 23.48 10.33 -16.87
N ASP A 93 22.93 11.04 -17.87
CA ASP A 93 21.49 10.95 -18.10
C ASP A 93 21.19 9.69 -18.91
N TRP A 94 20.98 8.61 -18.19
CA TRP A 94 20.71 7.32 -18.79
C TRP A 94 19.30 7.19 -19.29
N THR A 95 18.49 8.27 -19.26
CA THR A 95 17.22 8.26 -20.00
C THR A 95 17.41 8.65 -21.46
N GLU A 96 18.60 9.09 -21.87
CA GLU A 96 18.87 9.20 -23.30
C GLU A 96 19.30 7.84 -23.82
N ALA A 97 19.01 7.54 -25.09
CA ALA A 97 19.45 6.26 -25.64
C ALA A 97 20.96 6.17 -25.59
N PHE A 98 21.48 5.00 -25.24
CA PHE A 98 22.91 4.79 -25.22
C PHE A 98 23.18 3.35 -25.60
N THR A 99 24.35 3.12 -26.23
CA THR A 99 24.73 1.78 -26.65
C THR A 99 25.88 1.20 -25.84
N GLU A 100 26.49 1.99 -24.95
CA GLU A 100 27.56 1.49 -24.09
C GLU A 100 27.66 2.43 -22.90
N LEU A 101 28.37 1.98 -21.86
CA LEU A 101 28.56 2.84 -20.68
C LEU A 101 29.42 4.05 -21.05
N PRO A 102 29.30 5.15 -20.30
CA PRO A 102 30.15 6.33 -20.57
C PRO A 102 31.64 6.01 -20.49
N THR A 103 32.41 6.65 -21.37
CA THR A 103 33.84 6.36 -21.36
CA THR A 103 33.85 6.41 -21.39
C THR A 103 34.51 6.78 -20.06
N LEU A 104 33.98 7.81 -19.36
CA LEU A 104 34.56 8.19 -18.07
C LEU A 104 34.71 6.97 -17.16
N VAL A 105 33.67 6.13 -17.10
CA VAL A 105 33.72 4.97 -16.24
C VAL A 105 34.16 3.68 -16.92
N SER A 106 34.06 3.57 -18.27
CA SER A 106 34.33 2.28 -18.89
C SER A 106 35.81 2.08 -19.23
N GLN A 107 36.59 3.15 -19.37
CA GLN A 107 38.02 3.03 -19.65
C GLN A 107 38.66 2.14 -18.60
N GLU A 108 39.39 1.13 -19.06
CA GLU A 108 39.96 0.17 -18.11
C GLU A 108 41.28 0.60 -17.49
N HIS A 109 42.13 1.32 -18.19
CA HIS A 109 43.46 1.57 -17.67
CA HIS A 109 43.48 1.58 -17.71
C HIS A 109 43.60 3.01 -17.18
N ASP A 110 44.38 3.17 -16.11
CA ASP A 110 44.65 4.47 -15.51
C ASP A 110 43.35 5.20 -15.21
N ASN A 111 42.33 4.46 -14.79
CA ASN A 111 41.02 5.09 -14.59
C ASN A 111 40.42 4.75 -13.23
N PRO A 112 40.53 5.66 -12.26
CA PRO A 112 39.92 5.42 -10.94
C PRO A 112 38.42 5.14 -10.97
N PHE A 113 37.71 5.62 -11.99
CA PHE A 113 36.26 5.39 -12.08
C PHE A 113 35.92 3.98 -12.54
N HIS A 114 36.91 3.15 -12.86
CA HIS A 114 36.57 1.86 -13.45
C HIS A 114 36.02 0.87 -12.42
N HIS A 115 36.50 0.93 -11.17
CA HIS A 115 36.12 -0.05 -10.17
C HIS A 115 36.65 0.44 -8.83
N GLY A 116 36.26 -0.28 -7.79
CA GLY A 116 36.76 0.01 -6.44
C GLY A 116 37.16 -1.26 -5.70
N HIS A 117 38.11 -1.09 -4.78
CA HIS A 117 38.54 -2.21 -3.97
C HIS A 117 37.51 -2.57 -2.88
N ILE A 118 37.39 -3.87 -2.57
CA ILE A 118 36.48 -4.34 -1.52
C ILE A 118 37.25 -4.39 -0.20
N PRO A 119 36.88 -3.58 0.78
CA PRO A 119 37.59 -3.61 2.07
C PRO A 119 37.53 -4.98 2.73
N GLY A 120 38.67 -5.39 3.31
CA GLY A 120 38.77 -6.70 3.94
C GLY A 120 39.32 -7.76 3.02
N LYS A 121 39.29 -7.52 1.72
CA LYS A 121 39.81 -8.47 0.74
C LYS A 121 41.17 -8.01 0.23
N ALA A 122 41.85 -8.91 -0.45
CA ALA A 122 43.12 -8.54 -1.08
C ALA A 122 42.94 -7.37 -2.07
N GLU A 123 44.03 -6.67 -2.36
CA GLU A 123 43.97 -5.45 -3.18
C GLU A 123 43.41 -5.73 -4.57
N ASN A 124 43.59 -6.94 -5.09
CA ASN A 124 43.11 -7.26 -6.42
C ASN A 124 41.66 -7.77 -6.44
N ILE A 125 40.96 -7.75 -5.31
CA ILE A 125 39.53 -8.05 -5.24
C ILE A 125 38.79 -6.72 -5.34
N THR A 126 38.10 -6.53 -6.45
CA THR A 126 37.46 -5.25 -6.76
C THR A 126 36.02 -5.49 -7.18
N THR A 127 35.26 -4.40 -7.24
CA THR A 127 33.99 -4.47 -7.95
C THR A 127 34.24 -4.86 -9.39
N THR A 128 33.20 -5.48 -9.99
CA THR A 128 33.15 -5.71 -11.42
C THR A 128 31.75 -5.37 -11.87
N ARG A 129 31.60 -5.23 -13.19
CA ARG A 129 30.30 -5.05 -13.84
C ARG A 129 30.07 -6.26 -14.72
N ALA A 130 28.79 -6.63 -14.89
CA ALA A 130 28.43 -7.69 -15.84
C ALA A 130 27.12 -7.27 -16.49
N PRO A 131 27.17 -6.24 -17.33
CA PRO A 131 25.94 -5.56 -17.74
C PRO A 131 24.96 -6.49 -18.46
N ARG A 132 23.70 -6.34 -18.12
CA ARG A 132 22.61 -7.12 -18.66
C ARG A 132 22.17 -6.53 -19.99
N PRO A 133 21.71 -7.37 -20.93
CA PRO A 133 21.51 -6.85 -22.30
C PRO A 133 20.40 -5.81 -22.38
N GLN A 134 19.40 -5.88 -21.50
CA GLN A 134 18.35 -4.89 -21.57
C GLN A 134 18.79 -3.52 -21.08
N LEU A 135 20.01 -3.39 -20.53
CA LEU A 135 20.53 -2.06 -20.24
C LEU A 135 20.67 -1.25 -21.53
N PHE A 136 21.00 -1.91 -22.64
CA PHE A 136 21.28 -1.25 -23.90
C PHE A 136 20.20 -1.40 -24.95
N LYS A 137 19.31 -2.37 -24.80
CA LYS A 137 18.24 -2.67 -25.75
C LYS A 137 16.90 -2.55 -25.03
N ASP A 138 16.07 -1.57 -25.46
CA ASP A 138 14.76 -1.30 -24.87
C ASP A 138 13.96 -2.58 -24.76
N PRO A 139 13.68 -3.10 -23.56
CA PRO A 139 12.95 -4.39 -23.46
C PRO A 139 11.52 -4.32 -23.98
N GLU A 140 10.95 -3.12 -24.16
CA GLU A 140 9.61 -2.95 -24.67
C GLU A 140 9.57 -2.56 -26.15
N HIS A 141 10.73 -2.32 -26.78
CA HIS A 141 10.76 -1.88 -28.18
C HIS A 141 9.77 -0.73 -28.44
N GLY A 142 9.83 0.29 -27.58
CA GLY A 142 8.92 1.42 -27.65
C GLY A 142 9.55 2.66 -28.27
N GLU A 143 8.82 3.78 -28.11
CA GLU A 143 9.31 5.07 -28.60
C GLU A 143 10.22 5.71 -27.54
N GLU A 144 11.42 6.10 -27.97
CA GLU A 144 12.43 6.61 -27.07
C GLU A 144 12.91 5.52 -26.09
N SER A 145 13.69 5.91 -25.10
CA SER A 145 14.31 4.98 -24.16
C SER A 145 13.27 4.38 -23.19
N PHE A 146 13.44 3.08 -22.88
CA PHE A 146 12.69 2.46 -21.79
C PHE A 146 12.75 3.30 -20.51
N PHE A 147 13.95 3.76 -20.16
CA PHE A 147 14.13 4.55 -18.94
C PHE A 147 13.43 5.91 -19.04
N PHE A 148 13.42 6.53 -20.24
CA PHE A 148 12.69 7.78 -20.43
C PHE A 148 11.20 7.60 -20.11
N ARG A 149 10.58 6.57 -20.64
CA ARG A 149 9.15 6.39 -20.40
C ARG A 149 8.86 6.12 -18.92
N GLN A 150 9.71 5.32 -18.26
CA GLN A 150 9.53 5.09 -16.83
C GLN A 150 9.68 6.39 -16.05
N ALA A 151 10.64 7.23 -16.44
CA ALA A 151 10.85 8.50 -15.76
C ALA A 151 9.66 9.44 -15.94
N LEU A 152 9.05 9.46 -17.11
CA LEU A 152 7.88 10.33 -17.28
C LEU A 152 6.77 9.96 -16.32
N LEU A 153 6.53 8.66 -16.09
CA LEU A 153 5.45 8.31 -15.17
C LEU A 153 5.80 8.74 -13.74
N ALA A 154 7.07 8.67 -13.36
CA ALA A 154 7.47 9.19 -12.06
C ALA A 154 7.22 10.69 -11.97
N PHE A 155 7.63 11.42 -13.01
CA PHE A 155 7.48 12.89 -12.98
C PHE A 155 6.01 13.32 -12.98
N GLU A 156 5.10 12.47 -13.49
CA GLU A 156 3.67 12.78 -13.44
CA GLU A 156 3.68 12.80 -13.44
C GLU A 156 3.15 12.90 -12.02
N GLN A 157 3.78 12.20 -11.07
CA GLN A 157 3.22 12.16 -9.72
C GLN A 157 3.27 13.53 -9.07
N ARG A 158 2.20 13.87 -8.35
CA ARG A 158 2.02 15.21 -7.78
C ARG A 158 2.20 15.23 -6.28
N ASP A 159 2.53 14.10 -5.69
CA ASP A 159 2.72 13.94 -4.26
C ASP A 159 4.07 13.27 -4.04
N PHE A 160 4.85 13.75 -3.06
CA PHE A 160 6.22 13.27 -2.89
C PHE A 160 6.28 11.75 -2.70
N CYS A 161 5.44 11.19 -1.84
CA CYS A 161 5.58 9.77 -1.54
C CYS A 161 5.13 8.91 -2.72
N ASP A 162 4.18 9.40 -3.53
CA ASP A 162 3.83 8.69 -4.78
C ASP A 162 4.99 8.77 -5.77
N PHE A 163 5.54 9.97 -5.96
CA PHE A 163 6.73 10.14 -6.80
C PHE A 163 7.83 9.18 -6.38
N GLU A 164 8.08 9.10 -5.06
CA GLU A 164 9.25 8.42 -4.55
C GLU A 164 9.25 6.95 -4.94
N VAL A 165 8.09 6.28 -4.91
CA VAL A 165 8.07 4.84 -5.26
C VAL A 165 8.46 4.66 -6.72
N GLN A 166 7.88 5.45 -7.62
CA GLN A 166 8.22 5.34 -9.04
C GLN A 166 9.70 5.62 -9.28
N PHE A 167 10.16 6.72 -8.71
CA PHE A 167 11.56 7.17 -8.79
C PHE A 167 12.54 6.09 -8.34
N GLU A 168 12.31 5.56 -7.13
CA GLU A 168 13.26 4.61 -6.57
C GLU A 168 13.28 3.31 -7.37
N VAL A 169 12.12 2.79 -7.74
CA VAL A 169 12.10 1.52 -8.49
C VAL A 169 12.79 1.68 -9.85
N LEU A 170 12.56 2.79 -10.56
CA LEU A 170 13.31 3.04 -11.79
C LEU A 170 14.81 3.00 -11.52
N HIS A 171 15.23 3.67 -10.45
CA HIS A 171 16.67 3.74 -10.15
C HIS A 171 17.26 2.36 -9.89
N ASN A 172 16.42 1.41 -9.41
CA ASN A 172 16.90 0.06 -9.16
C ASN A 172 17.34 -0.65 -10.44
N ALA A 173 16.70 -0.34 -11.57
CA ALA A 173 17.04 -1.06 -12.80
C ALA A 173 18.49 -0.81 -13.19
N LEU A 174 19.00 0.41 -12.97
CA LEU A 174 20.37 0.67 -13.37
C LEU A 174 21.34 -0.11 -12.47
N HIS A 175 21.05 -0.20 -11.16
CA HIS A 175 21.85 -1.03 -10.28
C HIS A 175 21.86 -2.49 -10.76
N SER A 176 20.67 -3.06 -10.94
CA SER A 176 20.56 -4.46 -11.33
C SER A 176 21.24 -4.74 -12.66
N TRP A 177 21.00 -3.88 -13.64
CA TRP A 177 21.45 -4.20 -14.99
C TRP A 177 22.87 -3.78 -15.27
N ILE A 178 23.50 -2.90 -14.46
CA ILE A 178 24.94 -2.69 -14.58
C ILE A 178 25.70 -3.80 -13.89
N GLY A 179 25.26 -4.13 -12.68
CA GLY A 179 26.00 -5.12 -11.89
C GLY A 179 25.81 -6.54 -12.41
N GLY A 180 24.58 -6.90 -12.75
CA GLY A 180 24.32 -8.26 -13.20
C GLY A 180 24.73 -9.28 -12.15
N THR A 181 25.40 -10.34 -12.61
CA THR A 181 25.83 -11.42 -11.71
C THR A 181 27.12 -11.13 -10.96
N SER A 182 27.68 -9.92 -11.07
CA SER A 182 28.93 -9.60 -10.38
C SER A 182 28.84 -9.87 -8.88
N PRO A 183 29.78 -10.63 -8.31
CA PRO A 183 29.73 -10.89 -6.87
C PRO A 183 29.83 -9.62 -6.05
N TYR A 184 30.68 -8.69 -6.50
CA TYR A 184 30.86 -7.40 -5.83
C TYR A 184 30.58 -6.32 -6.85
N GLY A 185 29.45 -5.64 -6.72
CA GLY A 185 29.16 -4.64 -7.75
C GLY A 185 27.82 -3.97 -7.52
N MET A 186 27.38 -3.26 -8.58
CA MET A 186 26.24 -2.38 -8.48
C MET A 186 24.93 -3.07 -8.19
N SER A 187 24.82 -4.39 -8.44
CA SER A 187 23.53 -5.02 -8.30
C SER A 187 23.30 -5.61 -6.91
N THR A 188 24.20 -5.42 -5.96
CA THR A 188 23.85 -5.76 -4.58
C THR A 188 23.95 -4.54 -3.70
N LEU A 189 23.06 -4.48 -2.73
CA LEU A 189 23.12 -3.40 -1.76
C LEU A 189 24.47 -3.35 -1.04
N GLU A 190 25.02 -4.52 -0.72
CA GLU A 190 26.22 -4.59 0.11
C GLU A 190 27.41 -3.89 -0.53
N TYR A 191 27.58 -4.04 -1.86
CA TYR A 191 28.83 -3.61 -2.48
C TYR A 191 28.69 -2.53 -3.53
N ALA A 192 27.46 -2.09 -3.82
CA ALA A 192 27.26 -1.18 -4.97
C ALA A 192 28.07 0.09 -4.85
N ALA A 193 28.18 0.65 -3.64
CA ALA A 193 28.85 1.94 -3.52
C ALA A 193 30.35 1.85 -3.70
N TYR A 194 30.93 0.63 -3.75
CA TYR A 194 32.35 0.54 -4.07
C TYR A 194 32.65 0.72 -5.56
N ASP A 195 31.65 0.63 -6.43
CA ASP A 195 31.88 0.91 -7.84
C ASP A 195 31.65 2.40 -8.06
N PRO A 196 32.66 3.16 -8.50
CA PRO A 196 32.47 4.60 -8.68
C PRO A 196 31.32 4.99 -9.58
N ILE A 197 30.87 4.13 -10.50
CA ILE A 197 29.69 4.44 -11.28
C ILE A 197 28.47 4.67 -10.39
N PHE A 198 28.45 4.10 -9.19
CA PHE A 198 27.39 4.37 -8.22
C PHE A 198 27.10 5.87 -8.13
N PHE A 199 28.18 6.67 -8.08
CA PHE A 199 27.99 8.10 -7.82
C PHE A 199 27.66 8.89 -9.06
N ILE A 200 28.06 8.40 -10.25
CA ILE A 200 27.59 8.96 -11.51
C ILE A 200 26.09 8.68 -11.70
N HIS A 201 25.67 7.45 -11.38
CA HIS A 201 24.25 7.13 -11.37
C HIS A 201 23.50 7.99 -10.36
N HIS A 202 24.01 8.06 -9.13
CA HIS A 202 23.26 8.79 -8.11
C HIS A 202 23.32 10.31 -8.29
N SER A 203 24.30 10.83 -9.05
CA SER A 203 24.23 12.23 -9.45
C SER A 203 23.05 12.44 -10.39
N ASN A 204 22.86 11.51 -11.34
CA ASN A 204 21.71 11.63 -12.22
C ASN A 204 20.40 11.42 -11.48
N VAL A 205 20.35 10.45 -10.56
CA VAL A 205 19.15 10.21 -9.77
C VAL A 205 18.81 11.45 -8.98
N ASP A 206 19.81 12.09 -8.36
CA ASP A 206 19.56 13.30 -7.62
C ASP A 206 19.08 14.41 -8.55
N ARG A 207 19.57 14.45 -9.79
CA ARG A 207 19.09 15.49 -10.72
C ARG A 207 17.64 15.24 -11.09
N GLN A 208 17.23 13.97 -11.22
CA GLN A 208 15.81 13.70 -11.46
C GLN A 208 14.95 14.19 -10.31
N PHE A 209 15.42 14.01 -9.08
CA PHE A 209 14.70 14.55 -7.91
C PHE A 209 14.58 16.08 -8.04
N ALA A 210 15.70 16.72 -8.35
CA ALA A 210 15.68 18.17 -8.55
C ALA A 210 14.72 18.58 -9.66
N ILE A 211 14.63 17.80 -10.74
CA ILE A 211 13.69 18.13 -11.82
C ILE A 211 12.24 18.03 -11.33
N TRP A 212 11.93 16.96 -10.59
CA TRP A 212 10.60 16.85 -10.02
C TRP A 212 10.30 18.00 -9.06
N GLN A 213 11.28 18.47 -8.30
CA GLN A 213 11.01 19.62 -7.42
C GLN A 213 10.69 20.86 -8.23
N GLU A 214 11.34 21.05 -9.38
CA GLU A 214 11.01 22.18 -10.26
C GLU A 214 9.60 22.04 -10.80
N LEU A 215 9.21 20.81 -11.19
CA LEU A 215 7.84 20.58 -11.64
C LEU A 215 6.84 20.95 -10.55
N GLN A 216 7.09 20.52 -9.30
CA GLN A 216 6.19 20.80 -8.19
C GLN A 216 6.08 22.30 -7.93
N LYS A 217 7.20 23.03 -8.05
CA LYS A 217 7.18 24.47 -7.90
C LYS A 217 6.30 25.12 -8.97
N HIS A 218 6.41 24.64 -10.20
CA HIS A 218 5.66 25.19 -11.34
C HIS A 218 4.17 24.89 -11.20
N ARG A 219 3.84 23.78 -10.54
CA ARG A 219 2.47 23.34 -10.32
C ARG A 219 1.83 24.06 -9.15
N GLY A 220 2.60 24.82 -8.38
CA GLY A 220 2.09 25.38 -7.14
C GLY A 220 1.97 24.40 -6.01
N LEU A 221 2.75 23.32 -6.00
CA LEU A 221 2.65 22.30 -4.97
C LEU A 221 3.92 22.28 -4.11
N ASP A 222 3.92 21.41 -3.10
CA ASP A 222 5.04 21.27 -2.15
C ASP A 222 6.30 20.79 -2.89
N TYR A 223 7.39 21.53 -2.73
CA TYR A 223 8.67 21.12 -3.32
C TYR A 223 9.84 21.21 -2.35
N ASN A 224 9.75 22.01 -1.29
CA ASN A 224 10.77 22.11 -0.25
C ASN A 224 10.36 21.41 1.02
N THR A 225 9.27 20.66 0.97
CA THR A 225 8.75 19.93 2.11
C THR A 225 7.85 18.85 1.56
N ALA A 226 7.34 18.01 2.46
CA ALA A 226 6.32 17.05 2.09
C ALA A 226 5.38 16.87 3.27
N ASN A 227 4.14 16.51 2.97
CA ASN A 227 3.14 16.33 4.01
C ASN A 227 2.78 14.86 4.19
N CYS A 228 3.69 13.96 3.81
CA CYS A 228 3.55 12.53 4.04
C CYS A 228 4.82 12.00 4.72
N HIS A 229 4.67 10.92 5.48
CA HIS A 229 5.77 10.37 6.27
C HIS A 229 6.49 11.44 7.08
N ILE A 230 5.69 12.28 7.74
CA ILE A 230 6.23 13.53 8.28
C ILE A 230 7.25 13.25 9.38
N GLN A 231 7.00 12.27 10.25
CA GLN A 231 7.99 11.98 11.29
CA GLN A 231 7.99 12.00 11.29
C GLN A 231 9.19 11.23 10.74
N ASP A 232 8.94 10.30 9.81
CA ASP A 232 10.03 9.54 9.19
C ASP A 232 11.05 10.47 8.54
N LEU A 233 10.60 11.53 7.89
CA LEU A 233 11.54 12.42 7.22
C LEU A 233 12.33 13.29 8.22
N ARG A 234 12.02 13.19 9.51
CA ARG A 234 12.77 13.92 10.53
CA ARG A 234 12.76 13.91 10.54
C ARG A 234 13.77 13.05 11.27
N LYS A 235 13.83 11.75 10.96
CA LYS A 235 14.78 10.84 11.57
C LYS A 235 16.20 11.13 11.06
N PRO A 236 17.21 10.74 11.83
CA PRO A 236 18.59 10.95 11.37
C PRO A 236 18.91 10.08 10.17
N LEU A 237 19.65 10.69 9.24
CA LEU A 237 20.18 9.96 8.11
C LEU A 237 21.52 9.42 8.56
N GLU A 238 21.45 8.30 9.26
CA GLU A 238 22.68 7.65 9.73
CA GLU A 238 22.67 7.66 9.73
C GLU A 238 23.50 7.18 8.54
N PRO A 239 24.82 7.28 8.60
CA PRO A 239 25.66 7.71 9.74
C PRO A 239 26.04 9.18 9.66
N PHE A 240 25.39 9.97 8.81
CA PHE A 240 25.88 11.34 8.56
C PHE A 240 25.65 12.24 9.76
N ASN A 241 24.73 11.89 10.64
CA ASN A 241 24.49 12.68 11.85
C ASN A 241 25.57 12.49 12.91
N ARG A 242 26.48 11.53 12.76
CA ARG A 242 27.41 11.19 13.83
C ARG A 242 28.55 12.21 13.94
N ALA A 243 29.13 12.30 15.15
CA ALA A 243 30.22 13.24 15.39
C ALA A 243 31.46 12.98 14.55
N ASN A 244 31.67 11.76 14.07
CA ASN A 244 32.88 11.49 13.30
C ASN A 244 32.71 11.80 11.82
N ASN A 245 31.58 12.40 11.44
CA ASN A 245 31.44 12.92 10.09
C ASN A 245 32.21 14.23 10.01
N PRO A 246 33.31 14.30 9.24
CA PRO A 246 34.09 15.55 9.20
C PRO A 246 33.46 16.64 8.37
N VAL A 247 32.35 16.36 7.69
CA VAL A 247 31.74 17.31 6.78
C VAL A 247 30.63 18.02 7.54
N LEU A 248 30.83 19.31 7.84
CA LEU A 248 29.85 20.01 8.65
C LEU A 248 28.48 20.05 7.98
N VAL A 249 28.44 20.33 6.68
CA VAL A 249 27.14 20.62 6.07
C VAL A 249 26.26 19.37 6.04
N THR A 250 26.85 18.19 5.83
CA THR A 250 26.02 16.99 5.86
C THR A 250 25.70 16.54 7.28
N ARG A 251 26.58 16.84 8.23
CA ARG A 251 26.29 16.45 9.60
C ARG A 251 25.14 17.28 10.18
N VAL A 252 25.14 18.59 9.91
CA VAL A 252 24.12 19.45 10.51
C VAL A 252 22.80 19.42 9.75
N HIS A 253 22.80 19.00 8.48
CA HIS A 253 21.54 18.90 7.73
C HIS A 253 21.27 17.44 7.42
N SER A 254 21.21 16.63 8.44
CA SER A 254 21.19 15.17 8.27
C SER A 254 19.82 14.56 8.54
N ARG A 255 18.77 15.18 8.03
CA ARG A 255 17.42 14.61 8.03
C ARG A 255 16.90 14.69 6.62
N ALA A 256 16.03 13.73 6.23
CA ALA A 256 15.50 13.78 4.86
C ALA A 256 14.72 15.08 4.60
N ILE A 257 14.04 15.62 5.62
CA ILE A 257 13.30 16.85 5.42
C ILE A 257 14.24 18.01 5.10
N ASP A 258 15.46 18.02 5.67
CA ASP A 258 16.43 19.06 5.30
C ASP A 258 16.90 18.90 3.88
N ALA A 259 16.94 17.66 3.37
CA ALA A 259 17.56 17.39 2.09
C ALA A 259 16.74 17.89 0.91
N PHE A 260 15.46 18.28 1.09
CA PHE A 260 14.73 18.91 -0.01
C PHE A 260 15.46 20.16 -0.52
N ASN A 261 16.05 20.92 0.39
CA ASN A 261 16.83 22.10 0.01
C ASN A 261 18.24 21.63 -0.30
N TYR A 262 18.52 21.38 -1.59
CA TYR A 262 19.89 20.94 -1.92
C TYR A 262 20.86 22.11 -2.06
N ASP A 263 20.36 23.29 -2.40
CA ASP A 263 21.22 24.47 -2.47
C ASP A 263 22.07 24.62 -1.22
N GLN A 264 21.48 24.42 -0.05
CA GLN A 264 22.20 24.67 1.19
C GLN A 264 23.39 23.74 1.36
N TYR A 265 23.42 22.62 0.62
CA TYR A 265 24.57 21.74 0.72
C TYR A 265 25.76 22.17 -0.14
N GLY A 266 25.59 23.17 -0.99
CA GLY A 266 26.70 23.73 -1.75
C GLY A 266 26.86 23.23 -3.18
N TYR A 267 25.81 22.72 -3.82
CA TYR A 267 25.97 22.29 -5.19
C TYR A 267 24.73 22.64 -6.00
N GLN A 268 24.85 22.49 -7.31
CA GLN A 268 23.76 22.74 -8.25
C GLN A 268 24.08 22.01 -9.54
N TYR A 269 23.11 21.96 -10.46
CA TYR A 269 23.26 21.32 -11.76
C TYR A 269 23.55 22.37 -12.82
N ASP A 270 24.21 21.94 -13.88
CA ASP A 270 24.45 22.85 -15.00
C ASP A 270 23.12 23.38 -15.56
N HIS A 271 22.11 22.52 -15.69
CA HIS A 271 20.74 22.93 -15.94
C HIS A 271 19.81 21.77 -15.59
N LEU A 272 18.51 22.05 -15.58
CA LEU A 272 17.51 21.05 -15.24
C LEU A 272 16.54 20.79 -16.39
N HIS A 273 16.99 21.02 -17.62
CA HIS A 273 16.17 20.67 -18.78
C HIS A 273 16.18 19.17 -19.00
N PHE A 274 15.01 18.54 -18.91
CA PHE A 274 14.89 17.11 -19.15
C PHE A 274 14.74 16.89 -20.65
N HIS A 275 15.75 16.30 -21.27
CA HIS A 275 15.78 16.12 -22.73
C HIS A 275 15.57 17.44 -23.47
N GLY A 276 16.15 18.51 -22.94
CA GLY A 276 16.05 19.81 -23.60
C GLY A 276 14.67 20.43 -23.56
N LEU A 277 13.82 19.97 -22.65
CA LEU A 277 12.52 20.59 -22.38
C LEU A 277 12.66 21.50 -21.17
N THR A 278 12.18 22.74 -21.29
CA THR A 278 11.98 23.57 -20.12
C THR A 278 10.96 22.92 -19.18
N VAL A 279 10.86 23.43 -17.94
CA VAL A 279 9.95 22.82 -16.96
C VAL A 279 8.51 22.93 -17.43
N ASP A 280 8.12 24.07 -18.01
CA ASP A 280 6.74 24.20 -18.44
C ASP A 280 6.46 23.25 -19.60
N LYS A 281 7.42 23.07 -20.50
CA LYS A 281 7.23 22.15 -21.62
C LYS A 281 7.20 20.69 -21.16
N LEU A 282 8.03 20.35 -20.16
CA LEU A 282 7.93 19.02 -19.57
C LEU A 282 6.53 18.78 -18.97
N ASP A 283 6.07 19.70 -18.14
CA ASP A 283 4.77 19.51 -17.50
C ASP A 283 3.66 19.46 -18.55
N GLU A 284 3.80 20.25 -19.61
CA GLU A 284 2.85 20.18 -20.73
C GLU A 284 2.81 18.78 -21.35
N LYS A 285 3.97 18.16 -21.56
CA LYS A 285 4.01 16.80 -22.08
C LYS A 285 3.36 15.81 -21.12
N LEU A 286 3.59 16.00 -19.82
CA LEU A 286 2.99 15.12 -18.83
C LEU A 286 1.48 15.26 -18.83
N GLU A 287 0.99 16.50 -18.92
CA GLU A 287 -0.46 16.71 -18.97
C GLU A 287 -1.06 16.10 -20.22
N LYS A 288 -0.34 16.13 -21.35
CA LYS A 288 -0.86 15.52 -22.57
C LYS A 288 -0.99 14.01 -22.44
N ARG A 289 0.00 13.36 -21.82
CA ARG A 289 -0.08 11.93 -21.55
C ARG A 289 -1.32 11.58 -20.74
N LYS A 290 -1.69 12.47 -19.80
CA LYS A 290 -2.83 12.24 -18.92
C LYS A 290 -4.16 12.40 -19.64
N GLU A 291 -4.18 12.93 -20.87
CA GLU A 291 -5.42 13.03 -21.64
C GLU A 291 -5.88 11.70 -22.21
N GLN A 292 -5.00 10.70 -22.30
CA GLN A 292 -5.32 9.41 -22.91
C GLN A 292 -5.79 8.43 -21.83
N ASP A 293 -6.65 7.51 -22.27
CA ASP A 293 -7.09 6.40 -21.39
C ASP A 293 -5.89 5.45 -21.25
N ARG A 294 -5.61 5.00 -20.03
CA ARG A 294 -4.44 4.16 -19.81
C ARG A 294 -4.80 2.98 -18.92
N VAL A 295 -3.99 1.92 -19.04
CA VAL A 295 -4.07 0.71 -18.23
C VAL A 295 -2.76 0.58 -17.46
N PHE A 296 -2.85 0.31 -16.16
CA PHE A 296 -1.66 0.16 -15.31
C PHE A 296 -1.72 -1.16 -14.58
N LEU A 297 -0.56 -1.78 -14.40
CA LEU A 297 -0.35 -2.80 -13.39
C LEU A 297 0.20 -2.15 -12.13
N ASN A 298 -0.17 -2.71 -10.99
CA ASN A 298 0.12 -2.13 -9.69
C ASN A 298 0.74 -3.21 -8.83
N PHE A 299 1.98 -2.97 -8.40
CA PHE A 299 2.74 -3.99 -7.65
C PHE A 299 3.05 -3.52 -6.22
N MET A 300 2.84 -4.41 -5.27
CA MET A 300 3.23 -4.12 -3.87
C MET A 300 4.61 -4.75 -3.65
N LEU A 301 5.60 -3.90 -3.37
CA LEU A 301 7.00 -4.39 -3.25
C LEU A 301 7.49 -4.36 -1.81
N ARG A 302 8.42 -5.25 -1.54
CA ARG A 302 9.00 -5.36 -0.22
C ARG A 302 10.42 -5.87 -0.37
N GLY A 303 11.22 -5.67 0.66
CA GLY A 303 12.57 -6.24 0.66
C GLY A 303 12.51 -7.76 0.79
N ILE A 304 13.34 -8.44 -0.01
CA ILE A 304 13.38 -9.91 -0.04
C ILE A 304 14.80 -10.42 0.27
N LYS A 305 15.65 -9.58 0.83
CA LYS A 305 17.03 -9.87 1.25
C LYS A 305 17.94 -10.25 0.07
N MET A 306 17.54 -9.74 -1.08
CA MET A 306 18.35 -9.92 -2.29
C MET A 306 17.85 -8.99 -3.38
N SER A 307 18.66 -8.82 -4.38
CA SER A 307 18.25 -8.09 -5.58
C SER A 307 17.66 -9.04 -6.61
N ALA A 308 16.66 -8.55 -7.36
CA ALA A 308 16.04 -9.43 -8.34
C ALA A 308 15.43 -8.62 -9.48
N ASP A 309 15.30 -9.27 -10.63
CA ASP A 309 14.59 -8.72 -11.78
C ASP A 309 13.25 -9.42 -11.91
N VAL A 310 12.20 -8.64 -12.05
CA VAL A 310 10.84 -9.13 -12.23
C VAL A 310 10.45 -8.88 -13.69
N VAL A 311 9.90 -9.91 -14.35
CA VAL A 311 9.39 -9.75 -15.70
CA VAL A 311 9.40 -9.79 -15.72
C VAL A 311 7.97 -10.29 -15.72
N PHE A 312 7.14 -9.70 -16.56
CA PHE A 312 5.78 -10.18 -16.68
C PHE A 312 5.35 -10.15 -18.14
N ASP A 313 4.45 -11.09 -18.45
CA ASP A 313 3.86 -11.25 -19.77
C ASP A 313 2.37 -10.98 -19.70
N LEU A 314 1.79 -10.58 -20.83
CA LEU A 314 0.34 -10.50 -21.01
C LEU A 314 -0.09 -11.62 -21.98
N CYS A 315 -0.94 -12.52 -21.50
CA CYS A 315 -1.36 -13.72 -22.24
C CYS A 315 -2.86 -13.70 -22.47
N ASN A 316 -3.28 -13.77 -23.74
CA ASN A 316 -4.73 -13.79 -24.01
C ASN A 316 -5.29 -15.19 -23.71
N ALA A 317 -6.62 -15.32 -23.84
CA ALA A 317 -7.27 -16.57 -23.44
C ALA A 317 -6.91 -17.74 -24.35
N GLN A 318 -6.39 -17.46 -25.54
CA GLN A 318 -5.90 -18.47 -26.46
C GLN A 318 -4.46 -18.88 -26.19
N GLY A 319 -3.82 -18.28 -25.18
CA GLY A 319 -2.45 -18.58 -24.84
C GLY A 319 -1.39 -17.83 -25.62
N THR A 320 -1.74 -16.83 -26.40
CA THR A 320 -0.72 -16.01 -27.05
C THR A 320 -0.21 -15.02 -26.01
N CYS A 321 1.12 -14.99 -25.81
CA CYS A 321 1.73 -14.17 -24.77
C CYS A 321 2.73 -13.21 -25.39
N ASN A 322 2.77 -11.98 -24.88
CA ASN A 322 3.79 -11.01 -25.24
C ASN A 322 4.42 -10.45 -23.96
N PHE A 323 5.70 -10.12 -24.05
CA PHE A 323 6.39 -9.41 -22.95
C PHE A 323 5.61 -8.15 -22.60
N ALA A 324 5.36 -7.96 -21.28
CA ALA A 324 4.58 -6.80 -20.87
C ALA A 324 5.33 -5.81 -19.97
N GLY A 325 6.47 -6.18 -19.41
CA GLY A 325 7.32 -5.20 -18.76
C GLY A 325 8.26 -5.84 -17.76
N THR A 326 9.07 -4.96 -17.13
CA THR A 326 10.08 -5.42 -16.18
C THR A 326 10.43 -4.29 -15.22
N PHE A 327 10.81 -4.68 -14.00
CA PHE A 327 11.41 -3.77 -13.03
C PHE A 327 12.32 -4.57 -12.10
N ALA A 328 13.12 -3.85 -11.31
CA ALA A 328 14.08 -4.49 -10.41
C ALA A 328 13.87 -4.05 -8.96
N ILE A 329 14.29 -4.92 -8.06
CA ILE A 329 14.38 -4.64 -6.63
C ILE A 329 15.85 -4.74 -6.24
N LEU A 330 16.36 -3.74 -5.51
CA LEU A 330 17.72 -3.69 -5.02
C LEU A 330 17.70 -4.15 -3.56
N GLY A 331 18.60 -5.05 -3.19
CA GLY A 331 18.64 -5.45 -1.79
C GLY A 331 19.80 -6.38 -1.49
N GLY A 332 19.70 -7.03 -0.33
CA GLY A 332 20.73 -7.96 0.09
C GLY A 332 20.55 -8.32 1.54
N PRO A 333 21.39 -9.22 2.03
CA PRO A 333 21.20 -9.72 3.41
C PRO A 333 21.37 -8.69 4.50
N LEU A 334 22.07 -7.57 4.24
CA LEU A 334 22.23 -6.52 5.23
C LEU A 334 21.11 -5.49 5.21
N GLU A 335 20.12 -5.66 4.34
CA GLU A 335 19.06 -4.61 4.23
C GLU A 335 18.26 -4.44 5.54
N MET A 336 17.94 -3.20 5.82
CA MET A 336 16.80 -2.89 6.73
C MET A 336 15.50 -3.32 6.04
N PRO A 337 14.70 -4.19 6.69
CA PRO A 337 13.46 -4.65 6.11
C PRO A 337 12.53 -3.49 5.76
N TRP A 338 11.73 -3.67 4.70
CA TRP A 338 10.90 -2.59 4.23
C TRP A 338 9.73 -3.17 3.43
N ASN A 339 8.65 -2.41 3.41
CA ASN A 339 7.48 -2.69 2.58
C ASN A 339 6.97 -1.32 2.11
N PHE A 340 6.83 -1.11 0.82
CA PHE A 340 6.21 0.14 0.39
C PHE A 340 4.76 0.19 0.90
N ASP A 341 4.30 1.41 1.17
CA ASP A 341 2.93 1.64 1.67
C ASP A 341 1.97 2.06 0.56
N ARG A 342 2.31 1.74 -0.68
CA ARG A 342 1.47 2.10 -1.82
C ARG A 342 2.02 1.34 -3.01
N VAL A 343 1.22 1.27 -4.07
CA VAL A 343 1.62 0.48 -5.24
C VAL A 343 2.73 1.16 -6.02
N PHE A 344 3.53 0.34 -6.69
CA PHE A 344 4.39 0.74 -7.79
C PHE A 344 3.59 0.55 -9.08
N LYS A 345 3.41 1.64 -9.83
CA LYS A 345 2.58 1.69 -11.03
C LYS A 345 3.41 1.40 -12.26
N TYR A 346 2.82 0.69 -13.22
CA TYR A 346 3.54 0.32 -14.44
C TYR A 346 2.60 0.40 -15.62
N ASP A 347 2.95 1.20 -16.62
CA ASP A 347 2.04 1.50 -17.72
C ASP A 347 2.04 0.34 -18.73
N VAL A 348 0.89 -0.31 -18.90
CA VAL A 348 0.76 -1.39 -19.87
C VAL A 348 -0.26 -1.04 -20.96
N THR A 349 -0.51 0.25 -21.15
CA THR A 349 -1.50 0.71 -22.12
C THR A 349 -1.21 0.18 -23.52
N LYS A 350 0.03 0.33 -23.95
CA LYS A 350 0.35 -0.03 -25.35
C LYS A 350 0.24 -1.53 -25.57
N ILE A 351 0.71 -2.35 -24.62
CA ILE A 351 0.65 -3.78 -24.90
C ILE A 351 -0.81 -4.29 -24.83
N PHE A 352 -1.67 -3.72 -23.95
CA PHE A 352 -3.09 -4.04 -24.01
C PHE A 352 -3.68 -3.65 -25.37
N GLN A 353 -3.39 -2.43 -25.83
CA GLN A 353 -3.93 -1.96 -27.11
CA GLN A 353 -3.93 -1.96 -27.11
C GLN A 353 -3.49 -2.84 -28.26
N GLN A 354 -2.22 -3.21 -28.30
CA GLN A 354 -1.72 -3.99 -29.42
CA GLN A 354 -1.71 -4.00 -29.41
C GLN A 354 -2.28 -5.40 -29.43
N MET A 355 -2.61 -5.95 -28.25
CA MET A 355 -3.23 -7.26 -28.17
C MET A 355 -4.77 -7.22 -28.24
N ARG A 356 -5.35 -6.05 -28.44
CA ARG A 356 -6.80 -5.90 -28.53
C ARG A 356 -7.49 -6.44 -27.27
N LEU A 357 -6.89 -6.15 -26.13
CA LEU A 357 -7.43 -6.55 -24.84
C LEU A 357 -7.89 -5.32 -24.08
N ARG A 358 -9.11 -5.41 -23.47
CA ARG A 358 -9.54 -4.43 -22.50
C ARG A 358 -9.12 -4.86 -21.11
N PRO A 359 -9.09 -3.94 -20.14
CA PRO A 359 -8.78 -4.36 -18.78
C PRO A 359 -9.70 -5.43 -18.25
N ASP A 360 -10.96 -5.49 -18.73
CA ASP A 360 -11.90 -6.52 -18.27
C ASP A 360 -12.02 -7.68 -19.24
N SER A 361 -11.09 -7.81 -20.18
CA SER A 361 -11.02 -8.97 -21.06
C SER A 361 -10.56 -10.21 -20.28
N ASN A 362 -10.53 -11.37 -20.94
CA ASN A 362 -9.94 -12.57 -20.37
CA ASN A 362 -9.94 -12.56 -20.36
C ASN A 362 -8.47 -12.63 -20.74
N TYR A 363 -7.60 -12.74 -19.75
CA TYR A 363 -6.16 -12.82 -19.95
C TYR A 363 -5.52 -13.22 -18.62
N THR A 364 -4.23 -13.57 -18.69
CA THR A 364 -3.43 -13.82 -17.49
C THR A 364 -2.17 -12.98 -17.59
N ILE A 365 -1.51 -12.81 -16.44
CA ILE A 365 -0.28 -12.00 -16.37
C ILE A 365 0.76 -12.83 -15.62
N PRO A 366 1.42 -13.76 -16.29
CA PRO A 366 2.44 -14.57 -15.61
C PRO A 366 3.61 -13.71 -15.14
N ILE A 367 4.08 -13.99 -13.93
CA ILE A 367 5.19 -13.28 -13.30
C ILE A 367 6.39 -14.24 -13.22
N ARG A 368 7.58 -13.72 -13.53
CA ARG A 368 8.83 -14.42 -13.25
C ARG A 368 9.74 -13.51 -12.43
N ILE A 369 10.47 -14.10 -11.48
CA ILE A 369 11.42 -13.36 -10.63
C ILE A 369 12.75 -14.08 -10.66
N ARG A 370 13.83 -13.36 -11.01
CA ARG A 370 15.15 -13.97 -11.05
C ARG A 370 16.13 -13.16 -10.20
N ALA A 371 16.79 -13.80 -9.24
CA ALA A 371 17.82 -13.09 -8.47
C ALA A 371 18.95 -12.65 -9.40
N VAL A 372 19.68 -11.61 -8.97
CA VAL A 372 20.73 -11.10 -9.87
C VAL A 372 21.89 -12.05 -10.00
N ASN A 373 22.03 -13.05 -9.12
CA ASN A 373 23.03 -14.09 -9.40
C ASN A 373 22.54 -15.10 -10.43
N GLY A 374 21.35 -14.91 -10.99
CA GLY A 374 20.87 -15.77 -12.08
C GLY A 374 19.88 -16.83 -11.61
N MET A 375 19.72 -16.97 -10.30
CA MET A 375 18.84 -18.03 -9.75
C MET A 375 17.37 -17.64 -9.87
N GLN A 376 16.57 -18.54 -10.44
CA GLN A 376 15.11 -18.30 -10.50
C GLN A 376 14.55 -18.35 -9.09
N LEU A 377 13.65 -17.43 -8.80
CA LEU A 377 13.00 -17.38 -7.50
C LEU A 377 11.54 -17.76 -7.64
N ASP A 378 10.92 -18.02 -6.49
CA ASP A 378 9.48 -18.34 -6.45
C ASP A 378 8.70 -17.08 -6.82
N PRO A 379 7.85 -17.11 -7.87
CA PRO A 379 7.07 -15.93 -8.21
C PRO A 379 6.16 -15.46 -7.09
N ASN A 380 5.81 -16.35 -6.15
CA ASN A 380 4.92 -15.99 -5.05
C ASN A 380 5.61 -15.17 -3.97
N LEU A 381 6.91 -14.89 -4.13
CA LEU A 381 7.58 -13.97 -3.21
C LEU A 381 6.94 -12.60 -3.24
N LEU A 382 6.34 -12.22 -4.35
CA LEU A 382 5.65 -10.94 -4.46
C LEU A 382 4.17 -11.17 -4.76
N GLU A 383 3.37 -10.34 -4.11
CA GLU A 383 1.92 -10.37 -4.48
CA GLU A 383 1.93 -10.32 -4.48
C GLU A 383 1.70 -10.09 -6.00
N PRO A 384 0.77 -10.84 -6.58
CA PRO A 384 0.46 -10.59 -7.99
C PRO A 384 -0.01 -9.17 -8.19
N PRO A 385 0.27 -8.57 -9.34
CA PRO A 385 -0.17 -7.19 -9.58
C PRO A 385 -1.67 -7.10 -9.72
N SER A 386 -2.18 -5.90 -9.46
CA SER A 386 -3.58 -5.60 -9.78
C SER A 386 -3.66 -4.71 -11.01
N VAL A 387 -4.83 -4.70 -11.63
CA VAL A 387 -5.07 -3.95 -12.87
C VAL A 387 -5.97 -2.75 -12.58
N THR A 388 -5.53 -1.56 -13.00
CA THR A 388 -6.32 -0.35 -12.95
CA THR A 388 -6.35 -0.36 -12.96
C THR A 388 -6.54 0.20 -14.36
N PHE A 389 -7.71 0.78 -14.58
CA PHE A 389 -7.98 1.56 -15.77
C PHE A 389 -8.10 3.02 -15.35
N VAL A 390 -7.38 3.91 -16.01
CA VAL A 390 -7.42 5.33 -15.71
C VAL A 390 -7.93 6.08 -16.93
N PRO A 391 -9.19 6.51 -16.93
CA PRO A 391 -9.69 7.25 -18.09
C PRO A 391 -8.93 8.55 -18.28
N GLY A 392 -8.77 8.94 -19.55
CA GLY A 392 -8.09 10.19 -19.85
C GLY A 392 -8.77 11.39 -19.21
N LYS A 393 -7.97 12.38 -18.85
CA LYS A 393 -8.49 13.60 -18.23
C LYS A 393 -8.58 14.70 -19.28
N GLY B 1 -43.34 -6.06 2.64
CA GLY B 1 -41.90 -5.87 2.72
C GLY B 1 -41.08 -7.04 2.21
N VAL B 2 -41.58 -7.75 1.21
CA VAL B 2 -40.82 -8.87 0.66
C VAL B 2 -39.55 -8.33 0.02
N GLY B 3 -38.40 -8.81 0.48
CA GLY B 3 -37.17 -8.28 -0.05
C GLY B 3 -36.79 -6.90 0.43
N VAL B 4 -37.44 -6.38 1.48
CA VAL B 4 -37.20 -5.04 1.96
C VAL B 4 -36.46 -5.15 3.29
N ARG B 5 -35.29 -4.49 3.35
CA ARG B 5 -34.47 -4.46 4.55
C ARG B 5 -34.82 -3.20 5.32
N LYS B 6 -35.44 -3.39 6.49
CA LYS B 6 -35.92 -2.30 7.31
C LYS B 6 -34.93 -1.98 8.44
N ASP B 7 -34.94 -0.72 8.88
CA ASP B 7 -34.25 -0.35 10.12
C ASP B 7 -34.78 -1.21 11.25
N ILE B 8 -33.88 -1.93 11.93
CA ILE B 8 -34.30 -2.90 12.93
C ILE B 8 -35.15 -2.24 14.01
N ASN B 9 -34.92 -0.95 14.31
CA ASN B 9 -35.71 -0.26 15.34
C ASN B 9 -37.17 -0.06 14.92
N THR B 10 -37.46 -0.19 13.63
CA THR B 10 -38.83 -0.06 13.13
C THR B 10 -39.57 -1.39 13.01
N LEU B 11 -38.92 -2.52 13.26
CA LEU B 11 -39.62 -3.81 13.17
C LEU B 11 -40.70 -3.87 14.24
N THR B 12 -41.88 -4.35 13.86
CA THR B 12 -42.89 -4.61 14.87
C THR B 12 -42.60 -5.92 15.60
N ALA B 13 -43.31 -6.14 16.71
CA ALA B 13 -43.15 -7.41 17.42
C ALA B 13 -43.59 -8.57 16.53
N ALA B 14 -44.64 -8.38 15.73
CA ALA B 14 -45.08 -9.44 14.83
C ALA B 14 -44.04 -9.73 13.74
N GLU B 15 -43.39 -8.68 13.22
CA GLU B 15 -42.33 -8.91 12.22
C GLU B 15 -41.15 -9.62 12.84
N THR B 16 -40.83 -9.25 14.09
CA THR B 16 -39.75 -9.87 14.83
C THR B 16 -40.02 -11.35 15.03
N THR B 17 -41.25 -11.68 15.44
CA THR B 17 -41.63 -13.09 15.60
C THR B 17 -41.58 -13.84 14.29
N ASN B 18 -42.00 -13.21 13.20
CA ASN B 18 -41.99 -13.88 11.91
C ASN B 18 -40.56 -14.20 11.46
N LEU B 19 -39.64 -13.26 11.67
CA LEU B 19 -38.22 -13.51 11.37
C LEU B 19 -37.66 -14.63 12.23
N ARG B 20 -37.99 -14.64 13.52
CA ARG B 20 -37.55 -15.72 14.39
C ARG B 20 -38.11 -17.06 13.96
N ASP B 21 -39.39 -17.09 13.56
CA ASP B 21 -39.96 -18.37 13.13
C ASP B 21 -39.25 -18.91 11.89
N ALA B 22 -38.95 -18.04 10.94
CA ALA B 22 -38.21 -18.46 9.75
C ALA B 22 -36.82 -18.92 10.13
N LEU B 23 -36.11 -18.16 10.97
CA LEU B 23 -34.76 -18.60 11.34
C LEU B 23 -34.78 -19.93 12.07
N ARG B 24 -35.80 -20.17 12.87
CA ARG B 24 -35.88 -21.45 13.62
C ARG B 24 -35.90 -22.61 12.63
N ARG B 25 -36.66 -22.44 11.53
CA ARG B 25 -36.75 -23.48 10.50
CA ARG B 25 -36.74 -23.49 10.51
C ARG B 25 -35.41 -23.68 9.81
N VAL B 26 -34.74 -22.60 9.47
CA VAL B 26 -33.44 -22.69 8.76
C VAL B 26 -32.42 -23.36 9.69
N GLN B 27 -32.45 -22.99 10.96
CA GLN B 27 -31.53 -23.59 11.93
C GLN B 27 -31.81 -25.07 12.11
N ALA B 28 -33.10 -25.45 12.11
CA ALA B 28 -33.41 -26.87 12.24
C ALA B 28 -33.11 -27.64 10.95
N GLY B 29 -32.87 -26.94 9.85
CA GLY B 29 -32.49 -27.61 8.63
C GLY B 29 -33.67 -28.16 7.86
N THR B 30 -34.85 -27.60 8.07
CA THR B 30 -35.96 -27.88 7.18
C THR B 30 -35.88 -26.92 6.01
N GLY B 31 -36.21 -27.43 4.84
CA GLY B 31 -36.19 -26.61 3.65
C GLY B 31 -34.94 -26.85 2.83
N ARG B 32 -34.77 -25.99 1.84
CA ARG B 32 -33.75 -26.20 0.83
C ARG B 32 -32.34 -25.94 1.35
N MET B 33 -32.17 -25.14 2.41
CA MET B 33 -30.82 -24.81 2.88
CA MET B 33 -30.83 -24.78 2.88
C MET B 33 -30.80 -24.74 4.40
N THR B 34 -29.84 -25.44 5.00
CA THR B 34 -29.73 -25.39 6.45
C THR B 34 -28.85 -24.21 6.84
N TYR B 35 -29.06 -23.72 8.06
CA TYR B 35 -28.20 -22.64 8.57
C TYR B 35 -26.74 -23.03 8.47
N ASP B 36 -26.41 -24.27 8.86
CA ASP B 36 -25.01 -24.68 8.85
C ASP B 36 -24.45 -24.75 7.44
N PHE B 37 -25.26 -25.18 6.48
CA PHE B 37 -24.78 -25.19 5.11
C PHE B 37 -24.43 -23.78 4.66
N ILE B 38 -25.29 -22.81 4.96
CA ILE B 38 -25.00 -21.43 4.55
C ILE B 38 -23.81 -20.88 5.31
N ALA B 39 -23.87 -20.96 6.65
CA ALA B 39 -22.82 -20.36 7.46
C ALA B 39 -21.44 -20.97 7.20
N GLY B 40 -21.38 -22.23 6.79
CA GLY B 40 -20.10 -22.84 6.45
C GLY B 40 -19.39 -22.22 5.27
N ALA B 41 -20.08 -21.40 4.48
CA ALA B 41 -19.44 -20.67 3.39
C ALA B 41 -18.45 -19.62 3.91
N HIS B 42 -18.55 -19.21 5.17
CA HIS B 42 -17.78 -18.06 5.62
C HIS B 42 -16.41 -18.45 6.20
N GLY B 43 -16.38 -19.22 7.29
CA GLY B 43 -15.16 -19.48 8.05
C GLY B 43 -14.98 -20.96 8.24
N TYR B 44 -15.17 -21.43 9.45
CA TYR B 44 -15.11 -22.85 9.78
C TYR B 44 -16.43 -23.52 9.40
N PRO B 45 -16.39 -24.77 8.89
CA PRO B 45 -15.22 -25.54 8.43
C PRO B 45 -14.70 -24.99 7.12
N ALA B 46 -13.38 -24.99 6.90
CA ALA B 46 -12.80 -24.40 5.70
C ALA B 46 -13.40 -25.05 4.45
N GLU B 47 -14.01 -24.23 3.60
CA GLU B 47 -14.60 -24.77 2.37
C GLU B 47 -13.85 -24.38 1.09
N CYS B 48 -12.66 -23.78 1.19
CA CYS B 48 -11.91 -23.33 0.01
C CYS B 48 -10.44 -23.79 0.10
N LYS B 49 -9.68 -23.53 -0.97
CA LYS B 49 -8.28 -23.94 -1.04
C LYS B 49 -7.37 -22.81 -1.51
N MET B 50 -6.18 -22.76 -0.92
CA MET B 50 -5.08 -21.89 -1.35
C MET B 50 -3.92 -22.82 -1.63
N GLY B 51 -3.66 -23.11 -2.91
CA GLY B 51 -2.74 -24.17 -3.25
C GLY B 51 -3.23 -25.48 -2.67
N GLU B 52 -2.46 -26.07 -1.75
CA GLU B 52 -2.87 -27.27 -1.06
C GLU B 52 -3.34 -27.01 0.37
N TYR B 53 -3.45 -25.75 0.76
CA TYR B 53 -3.99 -25.38 2.08
C TYR B 53 -5.51 -25.26 2.01
N ASP B 54 -6.18 -25.70 3.07
CA ASP B 54 -7.62 -25.47 3.21
C ASP B 54 -7.80 -24.12 3.88
N VAL B 55 -8.66 -23.28 3.31
CA VAL B 55 -8.87 -21.94 3.86
C VAL B 55 -10.36 -21.64 3.89
N ALA B 56 -10.70 -20.67 4.74
CA ALA B 56 -12.05 -20.14 4.75
C ALA B 56 -12.35 -19.50 3.41
N CYS B 57 -13.63 -19.59 3.01
CA CYS B 57 -14.00 -18.99 1.74
C CYS B 57 -14.26 -17.49 1.78
N CYS B 58 -14.59 -16.91 2.95
CA CYS B 58 -14.93 -15.50 2.92
C CYS B 58 -13.73 -14.66 2.48
N GLN B 59 -14.02 -13.60 1.73
CA GLN B 59 -12.99 -12.75 1.17
C GLN B 59 -12.85 -11.51 2.07
N HIS B 60 -11.68 -11.36 2.67
CA HIS B 60 -11.39 -10.28 3.60
C HIS B 60 -10.05 -9.67 3.25
N GLY B 61 -9.88 -8.41 3.58
CA GLY B 61 -8.61 -7.76 3.29
C GLY B 61 -8.38 -7.50 1.81
N MET B 62 -9.46 -7.30 1.05
CA MET B 62 -9.34 -7.14 -0.39
C MET B 62 -10.59 -6.47 -0.95
N ALA B 63 -10.43 -6.00 -2.18
CA ALA B 63 -11.46 -5.20 -2.84
C ALA B 63 -12.75 -5.97 -3.07
N SER B 64 -12.70 -7.29 -3.07
CA SER B 64 -13.90 -8.12 -3.23
C SER B 64 -14.67 -8.35 -1.93
N PHE B 65 -14.18 -7.87 -0.78
CA PHE B 65 -14.90 -8.08 0.48
C PHE B 65 -16.35 -7.60 0.43
N PRO B 66 -16.66 -6.39 -0.04
CA PRO B 66 -18.06 -5.92 -0.04
C PRO B 66 -18.94 -6.81 -0.89
N GLY B 67 -18.45 -7.19 -2.09
CA GLY B 67 -19.28 -8.01 -2.96
C GLY B 67 -19.45 -9.43 -2.44
N TRP B 68 -18.40 -10.02 -1.88
CA TRP B 68 -18.53 -11.36 -1.31
C TRP B 68 -19.60 -11.35 -0.21
N HIS B 69 -19.53 -10.36 0.67
CA HIS B 69 -20.46 -10.36 1.79
C HIS B 69 -21.84 -9.89 1.39
N ARG B 70 -21.95 -9.04 0.36
CA ARG B 70 -23.27 -8.74 -0.21
C ARG B 70 -23.95 -10.04 -0.67
N VAL B 71 -23.23 -10.86 -1.42
CA VAL B 71 -23.86 -12.09 -1.91
C VAL B 71 -24.20 -13.04 -0.77
N PHE B 72 -23.29 -13.16 0.21
CA PHE B 72 -23.52 -14.05 1.36
C PHE B 72 -24.76 -13.62 2.16
N THR B 73 -24.85 -12.31 2.45
CA THR B 73 -25.98 -11.81 3.20
C THR B 73 -27.29 -12.09 2.46
N ARG B 74 -27.28 -11.92 1.14
CA ARG B 74 -28.48 -12.22 0.36
C ARG B 74 -28.83 -13.71 0.41
N GLN B 75 -27.82 -14.58 0.37
CA GLN B 75 -28.04 -16.01 0.47
C GLN B 75 -28.84 -16.38 1.72
N MET B 76 -28.44 -15.86 2.89
CA MET B 76 -29.18 -16.14 4.12
C MET B 76 -30.57 -15.52 4.07
N GLU B 77 -30.69 -14.31 3.53
CA GLU B 77 -32.01 -13.68 3.44
C GLU B 77 -32.96 -14.53 2.60
N ILE B 78 -32.47 -15.05 1.48
CA ILE B 78 -33.32 -15.91 0.64
C ILE B 78 -33.72 -17.18 1.37
N ALA B 79 -32.79 -17.80 2.10
CA ALA B 79 -33.15 -18.98 2.89
C ALA B 79 -34.29 -18.66 3.84
N LEU B 80 -34.21 -17.51 4.51
CA LEU B 80 -35.25 -17.09 5.46
C LEU B 80 -36.58 -16.88 4.74
N SER B 81 -36.53 -16.26 3.56
CA SER B 81 -37.75 -16.03 2.78
C SER B 81 -38.41 -17.34 2.39
N TRP B 82 -37.61 -18.30 1.95
CA TRP B 82 -38.16 -19.61 1.57
C TRP B 82 -38.80 -20.32 2.76
N GLU B 83 -38.37 -20.03 3.98
CA GLU B 83 -38.94 -20.63 5.18
C GLU B 83 -39.95 -19.73 5.87
N GLY B 84 -40.50 -18.77 5.15
CA GLY B 84 -41.64 -18.00 5.63
C GLY B 84 -41.39 -16.57 6.05
N ALA B 85 -40.16 -16.06 5.98
CA ALA B 85 -39.96 -14.68 6.39
C ALA B 85 -40.64 -13.74 5.43
N LYS B 86 -41.37 -12.76 5.95
CA LYS B 86 -42.09 -11.82 5.10
C LYS B 86 -41.42 -10.47 5.00
N VAL B 87 -40.27 -10.27 5.67
CA VAL B 87 -39.44 -9.09 5.45
C VAL B 87 -38.04 -9.59 5.23
N GLY B 88 -37.20 -8.70 4.70
CA GLY B 88 -35.80 -9.01 4.51
C GLY B 88 -35.02 -8.95 5.81
N LEU B 89 -33.71 -9.20 5.71
CA LEU B 89 -32.84 -9.04 6.88
C LEU B 89 -32.81 -7.59 7.33
N PRO B 90 -33.28 -7.25 8.54
CA PRO B 90 -33.25 -5.86 8.95
C PRO B 90 -31.82 -5.41 9.23
N TYR B 91 -31.57 -4.13 9.04
CA TYR B 91 -30.24 -3.60 9.33
C TYR B 91 -30.23 -2.87 10.65
N TRP B 92 -29.17 -3.10 11.43
CA TRP B 92 -28.96 -2.37 12.67
C TRP B 92 -27.95 -1.27 12.36
N ASP B 93 -28.40 -0.01 12.36
CA ASP B 93 -27.48 1.10 12.11
C ASP B 93 -26.74 1.41 13.41
N TRP B 94 -25.65 0.69 13.62
CA TRP B 94 -24.84 0.84 14.82
C TRP B 94 -24.00 2.11 14.82
N THR B 95 -24.13 2.98 13.83
CA THR B 95 -23.53 4.31 13.94
C THR B 95 -24.42 5.27 14.72
N GLU B 96 -25.65 4.89 15.05
CA GLU B 96 -26.47 5.65 16.00
C GLU B 96 -26.16 5.15 17.40
N ALA B 97 -25.85 6.07 18.33
CA ALA B 97 -25.42 5.63 19.65
C ALA B 97 -26.47 4.72 20.30
N PHE B 98 -26.00 3.70 20.98
CA PHE B 98 -26.88 2.70 21.58
C PHE B 98 -26.30 2.25 22.90
N THR B 99 -27.21 1.77 23.76
CA THR B 99 -26.83 1.22 25.05
C THR B 99 -27.01 -0.28 25.16
N GLU B 100 -27.63 -0.93 24.18
CA GLU B 100 -27.95 -2.35 24.27
C GLU B 100 -28.02 -2.88 22.84
N LEU B 101 -27.86 -4.20 22.69
CA LEU B 101 -28.05 -4.82 21.38
C LEU B 101 -29.55 -4.88 21.05
N PRO B 102 -29.91 -4.84 19.77
CA PRO B 102 -31.34 -4.80 19.41
C PRO B 102 -32.12 -5.98 19.96
N THR B 103 -33.40 -5.71 20.29
CA THR B 103 -34.28 -6.74 20.84
C THR B 103 -34.31 -8.05 20.05
N LEU B 104 -34.37 -7.94 18.72
CA LEU B 104 -34.41 -9.12 17.86
C LEU B 104 -33.35 -10.13 18.29
N VAL B 105 -32.13 -9.65 18.50
CA VAL B 105 -31.02 -10.52 18.87
C VAL B 105 -30.75 -10.63 20.37
N SER B 106 -31.22 -9.69 21.19
CA SER B 106 -30.81 -9.72 22.58
C SER B 106 -31.81 -10.40 23.50
N GLN B 107 -33.06 -10.61 23.07
CA GLN B 107 -33.99 -11.37 23.92
C GLN B 107 -33.45 -12.79 24.17
N GLU B 108 -33.69 -13.29 25.38
CA GLU B 108 -32.90 -14.41 25.87
C GLU B 108 -33.55 -15.78 25.87
N HIS B 109 -34.88 -15.89 25.79
CA HIS B 109 -35.56 -17.15 26.00
CA HIS B 109 -35.53 -17.18 25.98
C HIS B 109 -36.14 -17.66 24.68
N ASP B 110 -35.65 -18.81 24.22
CA ASP B 110 -36.11 -19.44 23.00
C ASP B 110 -36.13 -18.45 21.84
N ASN B 111 -35.04 -17.70 21.71
CA ASN B 111 -34.90 -16.73 20.63
C ASN B 111 -33.88 -17.24 19.61
N PRO B 112 -34.32 -17.63 18.41
CA PRO B 112 -33.38 -18.14 17.39
C PRO B 112 -32.26 -17.16 17.07
N PHE B 113 -32.49 -15.86 17.19
CA PHE B 113 -31.45 -14.90 16.87
C PHE B 113 -30.48 -14.66 18.02
N HIS B 114 -30.66 -15.27 19.18
CA HIS B 114 -29.81 -14.96 20.31
C HIS B 114 -28.41 -15.56 20.16
N HIS B 115 -28.31 -16.70 19.50
CA HIS B 115 -27.05 -17.44 19.36
C HIS B 115 -27.25 -18.53 18.32
N GLY B 116 -26.15 -19.18 17.95
CA GLY B 116 -26.22 -20.31 17.06
C GLY B 116 -25.41 -21.47 17.61
N HIS B 117 -25.88 -22.67 17.32
CA HIS B 117 -25.12 -23.87 17.65
C HIS B 117 -23.85 -23.99 16.80
N ILE B 118 -22.79 -24.56 17.37
CA ILE B 118 -21.55 -24.80 16.64
C ILE B 118 -21.60 -26.19 16.02
N PRO B 119 -21.50 -26.30 14.70
CA PRO B 119 -21.57 -27.63 14.04
C PRO B 119 -20.51 -28.58 14.60
N GLY B 120 -20.91 -29.85 14.76
CA GLY B 120 -19.96 -30.82 15.24
C GLY B 120 -19.80 -30.93 16.74
N LYS B 121 -20.60 -30.21 17.53
CA LYS B 121 -20.52 -30.19 18.99
C LYS B 121 -21.88 -30.48 19.62
N ALA B 122 -21.87 -30.75 20.95
CA ALA B 122 -23.09 -30.92 21.71
C ALA B 122 -24.00 -29.69 21.61
N GLU B 123 -25.27 -29.89 21.95
CA GLU B 123 -26.28 -28.85 21.78
C GLU B 123 -25.97 -27.61 22.61
N ASN B 124 -25.33 -27.80 23.77
CA ASN B 124 -25.10 -26.63 24.60
C ASN B 124 -23.85 -25.87 24.22
N ILE B 125 -23.15 -26.26 23.15
CA ILE B 125 -21.99 -25.50 22.66
C ILE B 125 -22.50 -24.54 21.59
N THR B 126 -22.54 -23.25 21.92
CA THR B 126 -23.13 -22.24 21.06
C THR B 126 -22.20 -21.05 20.97
N THR B 127 -22.49 -20.17 20.03
CA THR B 127 -21.90 -18.84 20.11
C THR B 127 -22.33 -18.15 21.40
N THR B 128 -21.45 -17.28 21.87
CA THR B 128 -21.76 -16.34 22.94
C THR B 128 -21.27 -14.95 22.52
N ARG B 129 -21.68 -13.95 23.27
CA ARG B 129 -21.27 -12.58 23.06
C ARG B 129 -20.68 -12.09 24.36
N ALA B 130 -19.63 -11.29 24.26
CA ALA B 130 -19.00 -10.68 25.43
C ALA B 130 -18.64 -9.25 25.05
N PRO B 131 -19.64 -8.38 24.94
CA PRO B 131 -19.40 -7.05 24.38
C PRO B 131 -18.38 -6.26 25.17
N ARG B 132 -17.51 -5.59 24.43
CA ARG B 132 -16.52 -4.71 25.04
C ARG B 132 -17.17 -3.39 25.47
N PRO B 133 -16.68 -2.77 26.55
CA PRO B 133 -17.30 -1.51 26.99
C PRO B 133 -17.30 -0.42 25.93
N GLN B 134 -16.28 -0.37 25.08
CA GLN B 134 -16.21 0.66 24.05
C GLN B 134 -17.28 0.52 22.98
N LEU B 135 -17.95 -0.64 22.89
CA LEU B 135 -19.07 -0.76 21.97
C LEU B 135 -20.16 0.25 22.29
N PHE B 136 -20.32 0.59 23.57
CA PHE B 136 -21.41 1.45 24.02
C PHE B 136 -20.94 2.85 24.36
N LYS B 137 -19.69 3.18 24.07
CA LYS B 137 -19.14 4.47 24.46
C LYS B 137 -18.46 5.08 23.25
N ASP B 138 -17.96 6.30 23.40
CA ASP B 138 -17.14 6.93 22.36
C ASP B 138 -15.75 7.11 22.97
N PRO B 139 -14.78 6.23 22.67
CA PRO B 139 -13.46 6.36 23.31
C PRO B 139 -12.75 7.69 23.00
N GLU B 140 -13.19 8.43 21.98
CA GLU B 140 -12.61 9.71 21.59
C GLU B 140 -13.34 10.91 22.16
N HIS B 141 -14.54 10.73 22.71
CA HIS B 141 -15.33 11.85 23.25
C HIS B 141 -15.51 12.96 22.22
N GLY B 142 -15.99 12.60 21.04
CA GLY B 142 -16.18 13.54 19.97
C GLY B 142 -17.65 13.91 19.82
N GLU B 143 -17.95 14.58 18.70
CA GLU B 143 -19.32 14.91 18.35
C GLU B 143 -19.91 13.74 17.59
N GLU B 144 -21.15 13.37 17.96
CA GLU B 144 -21.83 12.17 17.49
C GLU B 144 -21.01 10.93 17.87
N SER B 145 -21.35 9.78 17.30
CA SER B 145 -20.76 8.53 17.78
C SER B 145 -19.43 8.24 17.10
N PHE B 146 -18.61 7.46 17.79
CA PHE B 146 -17.32 7.00 17.27
C PHE B 146 -17.47 6.34 15.90
N PHE B 147 -18.46 5.46 15.77
CA PHE B 147 -18.67 4.77 14.49
C PHE B 147 -19.16 5.72 13.40
N PHE B 148 -19.95 6.74 13.76
CA PHE B 148 -20.42 7.70 12.78
C PHE B 148 -19.24 8.41 12.12
N ARG B 149 -18.29 8.87 12.93
CA ARG B 149 -17.18 9.63 12.36
C ARG B 149 -16.29 8.73 11.50
N GLN B 150 -16.09 7.48 11.92
CA GLN B 150 -15.37 6.53 11.06
C GLN B 150 -16.09 6.35 9.73
N ALA B 151 -17.41 6.22 9.77
CA ALA B 151 -18.20 6.01 8.56
C ALA B 151 -18.12 7.21 7.63
N LEU B 152 -18.12 8.43 8.18
CA LEU B 152 -18.01 9.61 7.32
C LEU B 152 -16.70 9.57 6.52
N LEU B 153 -15.60 9.19 7.17
CA LEU B 153 -14.34 9.19 6.43
C LEU B 153 -14.35 8.12 5.34
N ALA B 154 -15.04 6.99 5.56
CA ALA B 154 -15.23 6.04 4.48
C ALA B 154 -16.06 6.64 3.35
N PHE B 155 -17.18 7.30 3.70
CA PHE B 155 -18.04 7.85 2.66
C PHE B 155 -17.38 8.95 1.86
N GLU B 156 -16.41 9.67 2.44
CA GLU B 156 -15.69 10.71 1.72
CA GLU B 156 -15.67 10.70 1.73
C GLU B 156 -14.93 10.16 0.52
N GLN B 157 -14.53 8.89 0.56
CA GLN B 157 -13.71 8.34 -0.52
C GLN B 157 -14.47 8.30 -1.84
N ARG B 158 -13.79 8.72 -2.91
CA ARG B 158 -14.42 8.82 -4.22
C ARG B 158 -14.00 7.70 -5.17
N ASP B 159 -13.14 6.79 -4.71
CA ASP B 159 -12.67 5.65 -5.47
C ASP B 159 -13.04 4.40 -4.72
N PHE B 160 -13.55 3.38 -5.44
CA PHE B 160 -14.06 2.18 -4.76
C PHE B 160 -13.02 1.50 -3.88
N CYS B 161 -11.79 1.34 -4.35
CA CYS B 161 -10.82 0.57 -3.55
C CYS B 161 -10.32 1.39 -2.36
N ASP B 162 -10.29 2.71 -2.47
CA ASP B 162 -10.05 3.56 -1.29
C ASP B 162 -11.18 3.45 -0.28
N PHE B 163 -12.43 3.55 -0.77
CA PHE B 163 -13.61 3.36 0.09
C PHE B 163 -13.53 2.04 0.82
N GLU B 164 -13.20 0.97 0.08
CA GLU B 164 -13.34 -0.37 0.62
C GLU B 164 -12.46 -0.59 1.84
N VAL B 165 -11.25 -0.03 1.84
CA VAL B 165 -10.37 -0.24 2.98
C VAL B 165 -10.98 0.39 4.23
N GLN B 166 -11.48 1.62 4.09
CA GLN B 166 -12.05 2.29 5.26
C GLN B 166 -13.29 1.56 5.75
N PHE B 167 -14.16 1.21 4.80
CA PHE B 167 -15.42 0.50 5.05
C PHE B 167 -15.20 -0.83 5.76
N GLU B 168 -14.25 -1.63 5.24
CA GLU B 168 -14.03 -2.94 5.79
C GLU B 168 -13.44 -2.86 7.20
N VAL B 169 -12.45 -1.97 7.41
CA VAL B 169 -11.84 -1.90 8.74
C VAL B 169 -12.87 -1.44 9.77
N LEU B 170 -13.71 -0.45 9.41
CA LEU B 170 -14.79 -0.07 10.34
C LEU B 170 -15.67 -1.26 10.69
N HIS B 171 -16.02 -2.08 9.67
CA HIS B 171 -16.90 -3.22 9.91
C HIS B 171 -16.26 -4.22 10.88
N ASN B 172 -14.92 -4.28 10.92
CA ASN B 172 -14.26 -5.22 11.82
C ASN B 172 -14.52 -4.89 13.29
N ALA B 173 -14.74 -3.62 13.62
CA ALA B 173 -14.87 -3.24 15.02
C ALA B 173 -16.07 -3.90 15.65
N LEU B 174 -17.17 -4.02 14.89
CA LEU B 174 -18.38 -4.64 15.46
C LEU B 174 -18.17 -6.12 15.71
N HIS B 175 -17.45 -6.80 14.81
CA HIS B 175 -17.07 -8.19 15.08
C HIS B 175 -16.28 -8.30 16.36
N SER B 176 -15.21 -7.52 16.45
CA SER B 176 -14.34 -7.59 17.62
C SER B 176 -15.07 -7.27 18.91
N TRP B 177 -15.84 -6.19 18.92
CA TRP B 177 -16.35 -5.66 20.16
C TRP B 177 -17.68 -6.28 20.57
N ILE B 178 -18.41 -6.96 19.66
CA ILE B 178 -19.54 -7.78 20.07
C ILE B 178 -19.04 -9.13 20.59
N GLY B 179 -18.15 -9.79 19.83
CA GLY B 179 -17.71 -11.10 20.26
C GLY B 179 -16.81 -11.06 21.47
N GLY B 180 -15.87 -10.12 21.49
CA GLY B 180 -14.95 -10.02 22.63
C GLY B 180 -14.21 -11.32 22.85
N THR B 181 -14.12 -11.72 24.13
CA THR B 181 -13.44 -12.95 24.52
C THR B 181 -14.27 -14.21 24.32
N SER B 182 -15.44 -14.13 23.71
CA SER B 182 -16.28 -15.33 23.57
CA SER B 182 -16.27 -15.33 23.58
C SER B 182 -15.52 -16.43 22.85
N PRO B 183 -15.56 -17.67 23.34
CA PRO B 183 -14.84 -18.76 22.65
C PRO B 183 -15.29 -18.96 21.21
N TYR B 184 -16.59 -18.99 20.98
CA TYR B 184 -17.18 -19.07 19.65
C TYR B 184 -18.10 -17.89 19.48
N GLY B 185 -17.89 -17.13 18.42
CA GLY B 185 -18.71 -15.95 18.25
C GLY B 185 -18.14 -14.98 17.23
N MET B 186 -18.67 -13.75 17.30
CA MET B 186 -18.46 -12.72 16.28
C MET B 186 -17.02 -12.26 16.13
N SER B 187 -16.15 -12.47 17.13
CA SER B 187 -14.82 -11.87 17.05
C SER B 187 -13.78 -12.78 16.40
N THR B 188 -14.14 -13.98 15.93
CA THR B 188 -13.20 -14.71 15.07
C THR B 188 -13.80 -14.95 13.69
N LEU B 189 -12.92 -14.94 12.69
CA LEU B 189 -13.34 -15.29 11.35
C LEU B 189 -14.02 -16.67 11.34
N GLU B 190 -13.46 -17.62 12.09
CA GLU B 190 -13.90 -19.00 11.97
C GLU B 190 -15.36 -19.16 12.39
N TYR B 191 -15.79 -18.46 13.43
CA TYR B 191 -17.10 -18.78 14.00
C TYR B 191 -18.11 -17.64 13.93
N ALA B 192 -17.76 -16.48 13.38
CA ALA B 192 -18.66 -15.31 13.44
C ALA B 192 -20.02 -15.60 12.79
N ALA B 193 -20.02 -16.30 11.66
CA ALA B 193 -21.28 -16.51 10.94
C ALA B 193 -22.25 -17.42 11.67
N TYR B 194 -21.81 -18.13 12.72
CA TYR B 194 -22.74 -18.94 13.51
C TYR B 194 -23.55 -18.13 14.51
N ASP B 195 -23.17 -16.87 14.79
CA ASP B 195 -24.04 -16.01 15.59
C ASP B 195 -24.98 -15.28 14.64
N PRO B 196 -26.30 -15.46 14.74
CA PRO B 196 -27.20 -14.80 13.79
C PRO B 196 -27.04 -13.27 13.73
N ILE B 197 -26.52 -12.62 14.78
CA ILE B 197 -26.30 -11.17 14.69
C ILE B 197 -25.34 -10.83 13.55
N PHE B 198 -24.52 -11.80 13.09
CA PHE B 198 -23.68 -11.61 11.92
C PHE B 198 -24.46 -11.00 10.76
N PHE B 199 -25.67 -11.54 10.51
CA PHE B 199 -26.44 -11.10 9.34
C PHE B 199 -27.17 -9.78 9.53
N ILE B 200 -27.45 -9.39 10.77
CA ILE B 200 -27.94 -8.05 11.07
C ILE B 200 -26.83 -7.01 10.90
N HIS B 201 -25.63 -7.34 11.37
CA HIS B 201 -24.47 -6.48 11.11
C HIS B 201 -24.23 -6.38 9.61
N HIS B 202 -24.19 -7.53 8.92
CA HIS B 202 -23.88 -7.45 7.50
C HIS B 202 -25.01 -6.89 6.64
N SER B 203 -26.28 -6.92 7.12
CA SER B 203 -27.29 -6.10 6.44
C SER B 203 -26.95 -4.62 6.55
N ASN B 204 -26.49 -4.18 7.74
CA ASN B 204 -26.15 -2.77 7.86
C ASN B 204 -24.89 -2.42 7.07
N VAL B 205 -23.89 -3.29 7.08
CA VAL B 205 -22.68 -3.09 6.29
C VAL B 205 -23.02 -2.99 4.80
N ASP B 206 -23.87 -3.91 4.33
CA ASP B 206 -24.34 -3.81 2.95
C ASP B 206 -25.09 -2.50 2.68
N ARG B 207 -25.87 -2.01 3.65
CA ARG B 207 -26.56 -0.74 3.44
C ARG B 207 -25.57 0.41 3.33
N GLN B 208 -24.50 0.40 4.15
CA GLN B 208 -23.46 1.42 3.99
C GLN B 208 -22.85 1.39 2.59
N PHE B 209 -22.59 0.17 2.07
CA PHE B 209 -22.14 0.05 0.68
C PHE B 209 -23.14 0.69 -0.29
N ALA B 210 -24.45 0.40 -0.11
CA ALA B 210 -25.46 1.02 -0.97
C ALA B 210 -25.52 2.55 -0.82
N ILE B 211 -25.31 3.08 0.39
CA ILE B 211 -25.28 4.54 0.57
C ILE B 211 -24.10 5.14 -0.19
N TRP B 212 -22.94 4.49 -0.11
CA TRP B 212 -21.78 4.99 -0.85
C TRP B 212 -22.04 4.96 -2.36
N GLN B 213 -22.69 3.91 -2.85
CA GLN B 213 -23.04 3.85 -4.28
C GLN B 213 -23.95 5.02 -4.66
N GLU B 214 -24.90 5.35 -3.79
CA GLU B 214 -25.78 6.48 -4.07
C GLU B 214 -25.00 7.79 -4.05
N LEU B 215 -24.07 7.96 -3.12
CA LEU B 215 -23.20 9.12 -3.14
C LEU B 215 -22.44 9.21 -4.46
N GLN B 216 -21.85 8.09 -4.91
CA GLN B 216 -21.11 8.07 -6.17
C GLN B 216 -22.00 8.48 -7.34
N LYS B 217 -23.21 7.93 -7.39
CA LYS B 217 -24.17 8.29 -8.43
C LYS B 217 -24.42 9.80 -8.42
N HIS B 218 -24.65 10.37 -7.25
CA HIS B 218 -24.90 11.82 -7.15
C HIS B 218 -23.66 12.65 -7.50
N ARG B 219 -22.47 12.10 -7.30
CA ARG B 219 -21.23 12.77 -7.66
C ARG B 219 -20.90 12.68 -9.14
N GLY B 220 -21.64 11.88 -9.92
CA GLY B 220 -21.30 11.61 -11.30
C GLY B 220 -20.13 10.66 -11.48
N LEU B 221 -19.83 9.83 -10.49
CA LEU B 221 -18.73 8.88 -10.53
C LEU B 221 -19.27 7.46 -10.67
N ASP B 222 -18.34 6.49 -10.79
CA ASP B 222 -18.77 5.11 -10.97
C ASP B 222 -19.35 4.53 -9.69
N TYR B 223 -20.51 3.87 -9.82
CA TYR B 223 -21.19 3.21 -8.73
C TYR B 223 -21.63 1.80 -9.05
N ASN B 224 -21.72 1.41 -10.34
CA ASN B 224 -22.10 0.06 -10.72
C ASN B 224 -20.92 -0.75 -11.24
N THR B 225 -19.73 -0.16 -11.18
CA THR B 225 -18.52 -0.80 -11.64
C THR B 225 -17.36 -0.12 -10.90
N ALA B 226 -16.16 -0.65 -11.10
CA ALA B 226 -14.97 0.00 -10.55
C ALA B 226 -13.84 -0.19 -11.54
N ASN B 227 -12.87 0.72 -11.49
CA ASN B 227 -11.73 0.68 -12.40
C ASN B 227 -10.46 0.27 -11.67
N CYS B 228 -10.60 -0.34 -10.50
CA CYS B 228 -9.46 -0.88 -9.76
C CYS B 228 -9.71 -2.35 -9.45
N HIS B 229 -8.62 -3.10 -9.26
CA HIS B 229 -8.70 -4.53 -9.02
C HIS B 229 -9.63 -5.22 -10.02
N ILE B 230 -9.43 -4.86 -11.29
CA ILE B 230 -10.42 -5.22 -12.31
C ILE B 230 -10.52 -6.73 -12.52
N GLN B 231 -9.39 -7.45 -12.54
CA GLN B 231 -9.46 -8.88 -12.67
C GLN B 231 -9.90 -9.56 -11.38
N ASP B 232 -9.51 -9.01 -10.23
CA ASP B 232 -9.90 -9.62 -8.97
C ASP B 232 -11.42 -9.59 -8.79
N LEU B 233 -12.06 -8.51 -9.24
CA LEU B 233 -13.52 -8.40 -9.10
C LEU B 233 -14.27 -9.32 -10.08
N ARG B 234 -13.55 -9.95 -11.00
CA ARG B 234 -14.15 -10.91 -11.92
CA ARG B 234 -14.16 -10.92 -11.91
C ARG B 234 -13.98 -12.35 -11.47
N LYS B 235 -13.26 -12.61 -10.38
CA LYS B 235 -13.07 -13.96 -9.86
C LYS B 235 -14.36 -14.49 -9.24
N PRO B 236 -14.49 -15.81 -9.15
CA PRO B 236 -15.68 -16.38 -8.49
C PRO B 236 -15.72 -16.07 -7.01
N LEU B 237 -16.92 -15.73 -6.53
CA LEU B 237 -17.15 -15.61 -5.11
C LEU B 237 -17.48 -17.00 -4.59
N GLU B 238 -16.45 -17.78 -4.28
CA GLU B 238 -16.68 -19.13 -3.78
CA GLU B 238 -16.68 -19.14 -3.79
C GLU B 238 -17.32 -19.07 -2.41
N PRO B 239 -18.23 -19.98 -2.09
CA PRO B 239 -18.66 -21.15 -2.89
C PRO B 239 -19.92 -20.91 -3.72
N PHE B 240 -20.34 -19.66 -3.89
CA PHE B 240 -21.66 -19.37 -4.48
C PHE B 240 -21.69 -19.69 -5.96
N ASN B 241 -20.53 -19.75 -6.60
CA ASN B 241 -20.46 -20.11 -8.02
C ASN B 241 -20.67 -21.59 -8.26
N ARG B 242 -20.67 -22.41 -7.22
CA ARG B 242 -20.65 -23.86 -7.37
C ARG B 242 -22.03 -24.36 -7.75
N ALA B 243 -22.05 -25.52 -8.42
CA ALA B 243 -23.31 -26.07 -8.90
C ALA B 243 -24.20 -26.50 -7.75
N ASN B 244 -23.65 -26.84 -6.60
CA ASN B 244 -24.50 -27.20 -5.46
C ASN B 244 -25.13 -26.00 -4.75
N ASN B 245 -24.95 -24.77 -5.25
CA ASN B 245 -25.67 -23.63 -4.72
C ASN B 245 -27.10 -23.67 -5.23
N PRO B 246 -28.10 -23.88 -4.37
CA PRO B 246 -29.48 -24.04 -4.87
C PRO B 246 -30.16 -22.73 -5.22
N VAL B 247 -29.53 -21.58 -4.95
CA VAL B 247 -30.10 -20.28 -5.25
C VAL B 247 -29.60 -19.82 -6.62
N LEU B 248 -30.50 -19.73 -7.60
CA LEU B 248 -30.07 -19.38 -8.95
C LEU B 248 -29.44 -18.00 -9.01
N VAL B 249 -30.10 -16.99 -8.42
CA VAL B 249 -29.66 -15.62 -8.64
C VAL B 249 -28.25 -15.40 -8.09
N THR B 250 -27.90 -16.03 -6.96
CA THR B 250 -26.54 -15.83 -6.46
C THR B 250 -25.53 -16.70 -7.19
N ARG B 251 -25.94 -17.86 -7.70
CA ARG B 251 -25.05 -18.69 -8.49
C ARG B 251 -24.69 -18.02 -9.81
N VAL B 252 -25.66 -17.38 -10.47
CA VAL B 252 -25.38 -16.76 -11.76
C VAL B 252 -24.77 -15.37 -11.63
N HIS B 253 -24.87 -14.72 -10.46
CA HIS B 253 -24.22 -13.42 -10.29
C HIS B 253 -23.15 -13.52 -9.21
N SER B 254 -22.20 -14.40 -9.40
CA SER B 254 -21.28 -14.79 -8.33
C SER B 254 -19.89 -14.21 -8.55
N ARG B 255 -19.80 -12.98 -9.01
CA ARG B 255 -18.54 -12.25 -9.11
C ARG B 255 -18.72 -10.93 -8.39
N ALA B 256 -17.64 -10.38 -7.80
CA ALA B 256 -17.82 -9.12 -7.10
C ALA B 256 -18.27 -8.00 -8.04
N ILE B 257 -17.85 -8.05 -9.31
CA ILE B 257 -18.26 -7.01 -10.26
C ILE B 257 -19.77 -7.06 -10.49
N ASP B 258 -20.36 -8.26 -10.48
CA ASP B 258 -21.82 -8.38 -10.59
C ASP B 258 -22.50 -7.77 -9.37
N ALA B 259 -21.84 -7.87 -8.21
CA ALA B 259 -22.51 -7.54 -6.96
C ALA B 259 -22.75 -6.05 -6.79
N PHE B 260 -22.11 -5.17 -7.57
CA PHE B 260 -22.45 -3.75 -7.47
C PHE B 260 -23.94 -3.53 -7.69
N ASN B 261 -24.53 -4.29 -8.62
CA ASN B 261 -25.94 -4.11 -8.95
C ASN B 261 -26.77 -4.98 -7.99
N TYR B 262 -27.13 -4.42 -6.83
CA TYR B 262 -27.84 -5.27 -5.87
C TYR B 262 -29.31 -5.41 -6.21
N ASP B 263 -29.86 -4.49 -7.01
CA ASP B 263 -31.25 -4.62 -7.43
C ASP B 263 -31.50 -5.96 -8.11
N GLN B 264 -30.54 -6.44 -8.90
CA GLN B 264 -30.79 -7.69 -9.62
C GLN B 264 -30.89 -8.90 -8.70
N TYR B 265 -30.45 -8.78 -7.45
CA TYR B 265 -30.57 -9.88 -6.52
C TYR B 265 -31.93 -9.92 -5.82
N GLY B 266 -32.77 -8.93 -6.03
CA GLY B 266 -34.14 -8.95 -5.56
C GLY B 266 -34.37 -8.37 -4.19
N TYR B 267 -33.58 -7.40 -3.75
CA TYR B 267 -33.83 -6.76 -2.47
C TYR B 267 -33.56 -5.26 -2.56
N GLN B 268 -34.03 -4.55 -1.54
CA GLN B 268 -33.84 -3.11 -1.44
C GLN B 268 -33.92 -2.71 0.04
N TYR B 269 -33.47 -1.49 0.33
CA TYR B 269 -33.55 -0.92 1.67
C TYR B 269 -34.83 -0.07 1.80
N ASP B 270 -35.32 0.06 3.03
CA ASP B 270 -36.48 0.94 3.24
C ASP B 270 -36.16 2.36 2.80
N HIS B 271 -34.95 2.83 3.08
CA HIS B 271 -34.45 4.11 2.58
C HIS B 271 -32.95 4.10 2.81
N LEU B 272 -32.28 5.10 2.22
CA LEU B 272 -30.83 5.24 2.29
C LEU B 272 -30.42 6.55 2.96
N HIS B 273 -31.29 7.11 3.80
CA HIS B 273 -30.93 8.29 4.60
C HIS B 273 -30.01 7.92 5.76
N PHE B 274 -28.87 8.59 5.84
CA PHE B 274 -27.88 8.31 6.88
C PHE B 274 -28.01 9.39 7.97
N HIS B 275 -28.47 8.98 9.16
CA HIS B 275 -28.69 9.91 10.28
C HIS B 275 -29.62 11.08 9.90
N GLY B 276 -30.70 10.76 9.21
CA GLY B 276 -31.61 11.77 8.73
C GLY B 276 -31.18 12.50 7.49
N LEU B 277 -29.95 12.29 7.01
CA LEU B 277 -29.46 13.04 5.86
C LEU B 277 -29.86 12.36 4.57
N THR B 278 -30.48 13.12 3.68
CA THR B 278 -30.55 12.69 2.29
C THR B 278 -29.13 12.56 1.74
N VAL B 279 -29.00 11.84 0.62
CA VAL B 279 -27.67 11.63 0.04
C VAL B 279 -27.02 12.98 -0.32
N ASP B 280 -27.81 13.94 -0.83
CA ASP B 280 -27.25 15.26 -1.15
C ASP B 280 -26.81 16.00 0.11
N LYS B 281 -27.57 15.92 1.19
CA LYS B 281 -27.14 16.57 2.42
C LYS B 281 -25.95 15.85 3.04
N LEU B 282 -25.88 14.52 2.88
CA LEU B 282 -24.71 13.80 3.36
C LEU B 282 -23.47 14.28 2.63
N ASP B 283 -23.55 14.38 1.30
CA ASP B 283 -22.38 14.79 0.54
C ASP B 283 -21.98 16.23 0.86
N GLU B 284 -22.95 17.12 1.11
CA GLU B 284 -22.60 18.48 1.51
C GLU B 284 -21.79 18.49 2.81
N LYS B 285 -22.22 17.70 3.80
CA LYS B 285 -21.49 17.53 5.05
C LYS B 285 -20.08 17.01 4.80
N LEU B 286 -19.94 16.01 3.93
CA LEU B 286 -18.60 15.50 3.64
C LEU B 286 -17.73 16.58 3.00
N GLU B 287 -18.30 17.39 2.10
CA GLU B 287 -17.53 18.44 1.46
C GLU B 287 -17.09 19.50 2.47
N LYS B 288 -17.96 19.85 3.42
CA LYS B 288 -17.57 20.78 4.48
C LYS B 288 -16.42 20.23 5.33
N ARG B 289 -16.45 18.93 5.68
CA ARG B 289 -15.35 18.34 6.43
C ARG B 289 -14.04 18.52 5.70
N LYS B 290 -14.07 18.37 4.38
CA LYS B 290 -12.86 18.43 3.57
C LYS B 290 -12.30 19.84 3.49
N GLU B 291 -13.01 20.85 4.02
CA GLU B 291 -12.50 22.22 4.01
C GLU B 291 -11.51 22.49 5.12
N GLN B 292 -11.50 21.66 6.16
CA GLN B 292 -10.64 21.83 7.31
C GLN B 292 -9.29 21.16 7.08
N ASP B 293 -8.23 21.78 7.61
CA ASP B 293 -6.94 21.09 7.71
C ASP B 293 -7.07 19.87 8.62
N ARG B 294 -6.49 18.73 8.21
CA ARG B 294 -6.58 17.52 9.03
C ARG B 294 -5.24 16.82 9.13
N VAL B 295 -5.09 16.04 10.19
CA VAL B 295 -3.95 15.16 10.40
C VAL B 295 -4.46 13.73 10.43
N PHE B 296 -3.80 12.85 9.66
CA PHE B 296 -4.17 11.43 9.62
C PHE B 296 -3.00 10.56 10.03
N LEU B 297 -3.32 9.44 10.66
CA LEU B 297 -2.40 8.33 10.76
C LEU B 297 -2.78 7.35 9.66
N ASN B 298 -1.79 6.61 9.18
CA ASN B 298 -1.93 5.76 7.98
C ASN B 298 -1.30 4.42 8.28
N PHE B 299 -2.11 3.38 8.24
CA PHE B 299 -1.67 2.03 8.63
C PHE B 299 -1.75 1.07 7.44
N MET B 300 -0.67 0.33 7.31
CA MET B 300 -0.63 -0.82 6.37
C MET B 300 -1.02 -2.09 7.13
N LEU B 301 -2.10 -2.70 6.67
CA LEU B 301 -2.67 -3.85 7.38
C LEU B 301 -2.51 -5.13 6.57
N ARG B 302 -2.46 -6.22 7.30
CA ARG B 302 -2.34 -7.56 6.72
C ARG B 302 -2.97 -8.55 7.67
N GLY B 303 -3.25 -9.74 7.15
CA GLY B 303 -3.72 -10.81 8.02
C GLY B 303 -2.60 -11.33 8.90
N ILE B 304 -2.90 -11.51 10.20
CA ILE B 304 -1.96 -11.98 11.19
C ILE B 304 -2.44 -13.29 11.85
N LYS B 305 -3.40 -13.96 11.19
CA LYS B 305 -3.96 -15.27 11.60
C LYS B 305 -4.73 -15.20 12.90
N MET B 306 -5.17 -14.01 13.21
CA MET B 306 -6.00 -13.83 14.42
C MET B 306 -6.71 -12.49 14.34
N SER B 307 -7.77 -12.37 15.09
CA SER B 307 -8.40 -11.07 15.24
C SER B 307 -7.73 -10.26 16.33
N ALA B 308 -7.71 -8.94 16.18
CA ALA B 308 -7.02 -8.13 17.19
C ALA B 308 -7.54 -6.69 17.16
N ASP B 309 -7.43 -6.02 18.31
CA ASP B 309 -7.71 -4.59 18.46
C ASP B 309 -6.39 -3.83 18.51
N VAL B 310 -6.26 -2.82 17.66
CA VAL B 310 -5.05 -1.99 17.63
C VAL B 310 -5.40 -0.68 18.33
N VAL B 311 -4.58 -0.26 19.30
CA VAL B 311 -4.82 0.97 20.06
CA VAL B 311 -4.83 0.99 20.03
C VAL B 311 -3.56 1.81 19.99
N PHE B 312 -3.71 3.13 19.85
CA PHE B 312 -2.53 3.98 19.74
C PHE B 312 -2.78 5.26 20.54
N ASP B 313 -1.69 5.75 21.13
CA ASP B 313 -1.69 6.96 21.94
C ASP B 313 -0.83 8.00 21.24
N LEU B 314 -1.08 9.27 21.57
CA LEU B 314 -0.21 10.36 21.18
C LEU B 314 0.49 10.84 22.44
N CYS B 315 1.83 10.82 22.44
CA CYS B 315 2.63 11.17 23.62
C CYS B 315 3.53 12.37 23.33
N ASN B 316 3.46 13.41 24.15
CA ASN B 316 4.32 14.55 23.89
C ASN B 316 5.72 14.30 24.43
N ALA B 317 6.61 15.29 24.25
CA ALA B 317 8.02 15.08 24.57
C ALA B 317 8.26 14.95 26.06
N GLN B 318 7.29 15.38 26.87
CA GLN B 318 7.33 15.25 28.32
C GLN B 318 6.77 13.92 28.80
N GLY B 319 6.36 13.04 27.88
CA GLY B 319 5.80 11.75 28.25
C GLY B 319 4.33 11.76 28.64
N THR B 320 3.62 12.86 28.43
CA THR B 320 2.18 12.90 28.63
C THR B 320 1.52 12.24 27.42
N CYS B 321 0.74 11.18 27.67
CA CYS B 321 0.11 10.40 26.60
C CYS B 321 -1.40 10.47 26.71
N ASN B 322 -2.09 10.52 25.57
CA ASN B 322 -3.55 10.45 25.55
C ASN B 322 -3.97 9.49 24.46
N PHE B 323 -5.14 8.87 24.65
CA PHE B 323 -5.67 7.95 23.64
C PHE B 323 -5.86 8.69 22.32
N ALA B 324 -5.38 8.07 21.22
CA ALA B 324 -5.48 8.70 19.91
C ALA B 324 -6.34 7.93 18.92
N GLY B 325 -6.63 6.66 19.17
CA GLY B 325 -7.57 5.99 18.29
C GLY B 325 -7.45 4.48 18.41
N THR B 326 -8.39 3.80 17.73
CA THR B 326 -8.39 2.34 17.75
C THR B 326 -9.08 1.82 16.49
N PHE B 327 -8.67 0.63 16.05
CA PHE B 327 -9.38 -0.10 15.01
C PHE B 327 -9.16 -1.59 15.22
N ALA B 328 -9.91 -2.41 14.48
CA ALA B 328 -9.82 -3.87 14.64
C ALA B 328 -9.46 -4.54 13.32
N ILE B 329 -8.83 -5.70 13.45
CA ILE B 329 -8.63 -6.66 12.36
C ILE B 329 -9.39 -7.93 12.68
N LEU B 330 -10.11 -8.47 11.67
CA LEU B 330 -10.85 -9.73 11.80
C LEU B 330 -10.04 -10.82 11.14
N GLY B 331 -9.82 -11.92 11.84
CA GLY B 331 -9.06 -13.00 11.22
C GLY B 331 -9.09 -14.27 12.02
N GLY B 332 -8.15 -15.16 11.66
CA GLY B 332 -8.07 -16.44 12.31
C GLY B 332 -7.16 -17.35 11.53
N PRO B 333 -6.90 -18.53 12.12
CA PRO B 333 -5.98 -19.48 11.48
C PRO B 333 -6.44 -19.98 10.13
N LEU B 334 -7.74 -19.94 9.81
CA LEU B 334 -8.19 -20.40 8.49
C LEU B 334 -8.18 -19.30 7.42
N GLU B 335 -7.77 -18.10 7.77
CA GLU B 335 -7.90 -16.99 6.80
C GLU B 335 -7.04 -17.18 5.55
N MET B 336 -7.57 -16.71 4.43
CA MET B 336 -6.71 -16.62 3.23
C MET B 336 -5.78 -15.42 3.50
N PRO B 337 -4.45 -15.59 3.40
CA PRO B 337 -3.54 -14.51 3.67
C PRO B 337 -3.85 -13.29 2.80
N TRP B 338 -3.60 -12.11 3.35
CA TRP B 338 -3.94 -10.89 2.62
C TRP B 338 -3.07 -9.75 3.12
N ASN B 339 -2.87 -8.76 2.23
CA ASN B 339 -2.17 -7.51 2.53
C ASN B 339 -2.91 -6.41 1.79
N PHE B 340 -3.40 -5.38 2.49
CA PHE B 340 -3.98 -4.26 1.75
C PHE B 340 -2.89 -3.62 0.89
N ASP B 341 -3.31 -3.09 -0.27
CA ASP B 341 -2.40 -2.42 -1.19
C ASP B 341 -2.39 -0.90 -1.04
N ARG B 342 -2.84 -0.40 0.10
CA ARG B 342 -2.96 1.02 0.35
C ARG B 342 -3.22 1.18 1.85
N VAL B 343 -2.96 2.38 2.35
CA VAL B 343 -3.11 2.62 3.80
C VAL B 343 -4.58 2.66 4.21
N PHE B 344 -4.81 2.28 5.46
CA PHE B 344 -6.03 2.61 6.20
C PHE B 344 -5.82 3.96 6.91
N LYS B 345 -6.70 4.92 6.64
CA LYS B 345 -6.55 6.29 7.15
C LYS B 345 -7.36 6.48 8.43
N TYR B 346 -6.80 7.25 9.38
CA TYR B 346 -7.45 7.43 10.67
C TYR B 346 -7.26 8.89 11.06
N ASP B 347 -8.37 9.59 11.27
CA ASP B 347 -8.32 11.03 11.55
C ASP B 347 -7.91 11.28 13.00
N VAL B 348 -6.77 11.96 13.21
CA VAL B 348 -6.26 12.32 14.54
C VAL B 348 -6.17 13.84 14.70
N THR B 349 -6.88 14.60 13.86
CA THR B 349 -6.90 16.06 13.92
C THR B 349 -7.20 16.57 15.32
N LYS B 350 -8.26 16.06 15.94
CA LYS B 350 -8.70 16.65 17.21
C LYS B 350 -7.71 16.38 18.33
N ILE B 351 -7.16 15.16 18.41
CA ILE B 351 -6.26 14.90 19.52
C ILE B 351 -4.94 15.65 19.35
N PHE B 352 -4.47 15.84 18.11
CA PHE B 352 -3.33 16.75 17.89
C PHE B 352 -3.65 18.15 18.37
N GLN B 353 -4.83 18.66 18.00
CA GLN B 353 -5.23 20.01 18.44
CA GLN B 353 -5.23 20.01 18.44
C GLN B 353 -5.31 20.10 19.95
N GLN B 354 -5.90 19.10 20.61
CA GLN B 354 -6.06 19.14 22.06
C GLN B 354 -4.72 19.12 22.78
N MET B 355 -3.73 18.43 22.23
CA MET B 355 -2.40 18.39 22.83
C MET B 355 -1.48 19.50 22.35
N ARG B 356 -1.99 20.42 21.51
CA ARG B 356 -1.20 21.53 20.98
C ARG B 356 0.04 21.03 20.25
N LEU B 357 -0.14 19.95 19.49
CA LEU B 357 0.91 19.37 18.66
C LEU B 357 0.61 19.65 17.20
N ARG B 358 1.66 19.92 16.43
CA ARG B 358 1.69 19.96 14.98
C ARG B 358 2.21 18.63 14.46
N PRO B 359 1.91 18.30 13.21
CA PRO B 359 2.48 17.06 12.64
C PRO B 359 3.99 16.98 12.71
N ASP B 360 4.67 18.13 12.66
CA ASP B 360 6.13 18.16 12.73
C ASP B 360 6.66 18.50 14.12
N SER B 361 5.83 18.39 15.16
CA SER B 361 6.27 18.57 16.53
C SER B 361 7.02 17.32 17.02
N ASN B 362 7.50 17.39 18.26
CA ASN B 362 8.21 16.30 18.91
C ASN B 362 7.20 15.46 19.68
N TYR B 363 6.98 14.22 19.24
CA TYR B 363 6.00 13.35 19.89
C TYR B 363 6.28 11.92 19.44
N THR B 364 5.67 10.97 20.13
CA THR B 364 5.70 9.57 19.69
C THR B 364 4.27 9.04 19.65
N ILE B 365 4.10 7.93 18.94
CA ILE B 365 2.79 7.28 18.82
C ILE B 365 2.94 5.80 19.17
N PRO B 366 2.94 5.44 20.44
CA PRO B 366 3.09 4.01 20.77
C PRO B 366 1.85 3.23 20.33
N ILE B 367 2.11 2.05 19.80
CA ILE B 367 1.08 1.13 19.32
C ILE B 367 0.99 -0.07 20.24
N ARG B 368 -0.23 -0.51 20.54
CA ARG B 368 -0.48 -1.76 21.23
C ARG B 368 -1.44 -2.57 20.38
N ILE B 369 -1.28 -3.89 20.39
CA ILE B 369 -2.16 -4.80 19.65
C ILE B 369 -2.61 -5.88 20.62
N ARG B 370 -3.93 -6.06 20.77
CA ARG B 370 -4.45 -7.05 21.69
C ARG B 370 -5.31 -8.04 20.93
N ALA B 371 -4.94 -9.31 20.96
CA ALA B 371 -5.77 -10.34 20.37
C ALA B 371 -7.14 -10.39 21.07
N VAL B 372 -8.15 -10.89 20.35
CA VAL B 372 -9.50 -10.88 20.95
C VAL B 372 -9.62 -11.86 22.12
N ASN B 373 -8.64 -12.73 22.34
CA ASN B 373 -8.65 -13.57 23.57
C ASN B 373 -8.05 -12.78 24.74
N GLY B 374 -7.61 -11.56 24.50
CA GLY B 374 -7.09 -10.69 25.58
C GLY B 374 -5.57 -10.64 25.67
N MET B 375 -4.89 -11.44 24.86
CA MET B 375 -3.41 -11.47 24.90
C MET B 375 -2.79 -10.27 24.16
N GLN B 376 -1.88 -9.56 24.83
CA GLN B 376 -1.15 -8.47 24.16
C GLN B 376 -0.12 -9.09 23.20
N LEU B 377 -0.22 -8.72 21.93
CA LEU B 377 0.68 -9.23 20.91
C LEU B 377 1.79 -8.22 20.63
N ASP B 378 2.87 -8.74 20.07
CA ASP B 378 4.03 -7.89 19.75
C ASP B 378 3.59 -6.87 18.70
N PRO B 379 3.73 -5.57 19.01
CA PRO B 379 3.21 -4.57 18.06
C PRO B 379 3.92 -4.61 16.71
N ASN B 380 5.11 -5.21 16.63
CA ASN B 380 5.77 -5.29 15.32
C ASN B 380 5.13 -6.31 14.39
N LEU B 381 4.05 -7.01 14.79
CA LEU B 381 3.26 -7.73 13.80
C LEU B 381 2.74 -6.82 12.69
N LEU B 382 2.62 -5.53 12.95
CA LEU B 382 2.15 -4.55 11.98
C LEU B 382 3.19 -3.45 11.83
N GLU B 383 3.27 -2.88 10.63
CA GLU B 383 4.14 -1.73 10.42
C GLU B 383 3.64 -0.55 11.26
N PRO B 384 4.55 0.26 11.81
CA PRO B 384 4.10 1.49 12.47
C PRO B 384 3.41 2.40 11.49
N PRO B 385 2.45 3.21 11.95
CA PRO B 385 1.76 4.15 11.07
C PRO B 385 2.67 5.26 10.60
N SER B 386 2.26 5.91 9.51
CA SER B 386 2.87 7.16 9.09
C SER B 386 1.91 8.31 9.32
N VAL B 387 2.44 9.54 9.34
CA VAL B 387 1.69 10.75 9.65
C VAL B 387 1.56 11.58 8.38
N THR B 388 0.32 11.93 8.02
CA THR B 388 0.05 12.82 6.89
CA THR B 388 0.04 12.81 6.90
C THR B 388 -0.66 14.07 7.38
N PHE B 389 -0.35 15.19 6.75
CA PHE B 389 -1.13 16.41 6.89
C PHE B 389 -1.87 16.67 5.59
N VAL B 390 -3.17 16.90 5.68
CA VAL B 390 -4.01 17.14 4.52
C VAL B 390 -4.61 18.53 4.65
N PRO B 391 -4.07 19.52 3.93
CA PRO B 391 -4.65 20.87 4.01
C PRO B 391 -6.10 20.86 3.53
N GLY B 392 -6.92 21.71 4.15
CA GLY B 392 -8.29 21.83 3.69
C GLY B 392 -8.36 22.36 2.27
N LYS B 393 -9.38 21.93 1.53
CA LYS B 393 -9.55 22.39 0.16
C LYS B 393 -10.95 22.93 -0.07
#